data_8DW9
#
_entry.id   8DW9
#
_cell.length_a   80.171
_cell.length_b   106.707
_cell.length_c   207.650
_cell.angle_alpha   90.000
_cell.angle_beta   90.000
_cell.angle_gamma   90.000
#
_symmetry.space_group_name_H-M   'P 21 21 21'
#
loop_
_entity.id
_entity.type
_entity.pdbx_description
1 polymer 'Spike protein S1'
2 polymer 'D29 Heavy chain'
3 polymer 'D29 Fab light chain'
#
loop_
_entity_poly.entity_id
_entity_poly.type
_entity_poly.pdbx_seq_one_letter_code
_entity_poly.pdbx_strand_id
1 'polypeptide(L)'
;TNLCPFGEVFNATRFASVYAWNRKRISNCVADYSVLYNSASFSTFKCYGVSPTKLNDLCFTNVYADSFVIRGDEVRQIAP
GQTGKIADYNYKLPDDFTGCVIAWNSNNLDSKVGGNYNYLYRLFRKSNLKPFERDISTEIYQAGSTPCNGVEGFNCYFPL
QSYGFQPTNGVGYQPYRVVVLSFELLHAPATVCGP
;
A,B
2 'polypeptide(L)'
;QLVESGAEVKKPGSSVKVSCKASGDTFYTFDISWVRQAPGQGLEWMGGISPVFDAPNYAQKFQDRVTITADKSTSTAYME
LSSLRSEDTAIYYCVKPTYSNYVWGIGAFDVWGQGTTVTVSSASTKGPSVFPLAPSGTAALGCLVKDYFPEPVTVSWNSG
ALTSGVHTFPAVLQSSGLYSLSSVVTVPSSSLGTQTYICNVNHKPSNTKVDKKVEPKAA
;
C,H
3 'polypeptide(L)'
;EIVLTQSPGTLSLSPGERATLSCRASQSVGNIYLAWYQQKPGQAPRLLIYGASTRATGIPDRFSGSGSGTDFTLTISRLE
PEDFAVYYCQQYGDSLWTFGQGTKVEIKGQPKANPTVTLFPPSSEELQANKATLVCLIDNFYPGAVTVAWKADGSPVKAG
VETTKPSKQSNNKYAASSYLSLTPEQWKSHRSYSCQVTHEGSTVEKTVAPT
;
D,L
#
# COMPACT_ATOMS: atom_id res chain seq x y z
N THR A 1 -16.57 -9.19 3.24
CA THR A 1 -15.63 -8.12 3.68
C THR A 1 -14.36 -8.71 4.29
N ASN A 2 -13.48 -7.83 4.79
CA ASN A 2 -12.29 -8.25 5.51
C ASN A 2 -12.63 -8.84 6.87
N LEU A 3 -11.60 -9.34 7.56
CA LEU A 3 -11.72 -9.78 8.95
C LEU A 3 -12.07 -8.57 9.82
N CYS A 4 -12.88 -8.81 10.86
CA CYS A 4 -13.17 -7.81 11.87
C CYS A 4 -11.89 -7.52 12.66
N PRO A 5 -11.56 -6.22 12.92
CA PRO A 5 -10.26 -5.86 13.47
C PRO A 5 -10.06 -6.31 14.93
N PHE A 6 -10.30 -7.60 15.19
CA PHE A 6 -10.12 -8.20 16.49
C PHE A 6 -8.67 -8.05 16.94
N GLY A 7 -7.73 -8.20 16.00
CA GLY A 7 -6.31 -8.02 16.27
C GLY A 7 -6.03 -6.69 16.93
N GLU A 8 -6.53 -5.61 16.31
CA GLU A 8 -6.36 -4.25 16.80
C GLU A 8 -6.76 -4.10 18.26
N VAL A 9 -7.93 -4.66 18.60
CA VAL A 9 -8.43 -4.62 19.98
C VAL A 9 -7.62 -5.58 20.87
N PHE A 10 -7.91 -6.88 20.76
CA PHE A 10 -7.31 -7.95 21.58
C PHE A 10 -5.82 -7.79 21.84
N ASN A 11 -5.10 -7.17 20.90
CA ASN A 11 -3.75 -6.72 21.16
C ASN A 11 -3.46 -5.37 20.55
N ALA A 12 -3.66 -4.33 21.35
CA ALA A 12 -3.25 -2.98 21.02
C ALA A 12 -1.94 -2.71 21.74
N THR A 13 -1.11 -1.82 21.17
CA THR A 13 0.12 -1.36 21.79
C THR A 13 -0.23 -0.66 23.12
N ARG A 14 -0.42 -1.48 24.16
CA ARG A 14 -0.84 -1.09 25.54
C ARG A 14 -2.32 -0.66 25.56
N PHE A 15 -3.01 -0.92 26.67
CA PHE A 15 -4.43 -0.63 26.87
C PHE A 15 -4.65 0.55 27.82
N ALA A 16 -5.92 0.85 28.10
CA ALA A 16 -6.34 1.91 29.03
C ALA A 16 -6.70 1.36 30.40
N SER A 17 -6.78 2.26 31.39
CA SER A 17 -7.12 1.93 32.78
C SER A 17 -8.56 1.45 32.91
N VAL A 18 -8.84 0.73 34.00
CA VAL A 18 -10.12 0.06 34.20
C VAL A 18 -11.30 1.00 34.42
N TYR A 19 -11.12 2.00 35.28
CA TYR A 19 -12.17 2.98 35.70
C TYR A 19 -12.68 3.74 34.48
N ALA A 20 -11.79 4.12 33.56
CA ALA A 20 -12.12 4.78 32.31
C ALA A 20 -11.85 3.82 31.16
N TRP A 21 -12.55 2.69 31.18
CA TRP A 21 -12.38 1.60 30.21
C TRP A 21 -12.68 2.02 28.77
N ASN A 22 -12.12 1.27 27.82
CA ASN A 22 -12.29 1.48 26.39
C ASN A 22 -13.52 0.75 25.86
N ARG A 23 -14.25 1.44 24.96
CA ARG A 23 -15.57 1.02 24.39
C ARG A 23 -15.49 1.04 22.87
N LYS A 24 -14.84 0.03 22.27
CA LYS A 24 -14.58 -0.03 20.83
C LYS A 24 -15.64 -0.87 20.10
N ARG A 25 -16.17 -0.31 19.01
CA ARG A 25 -17.29 -0.88 18.21
C ARG A 25 -16.73 -1.57 16.95
N ILE A 26 -17.29 -2.74 16.62
CA ILE A 26 -16.89 -3.55 15.48
C ILE A 26 -18.11 -3.91 14.63
N SER A 27 -18.10 -3.49 13.36
CA SER A 27 -19.23 -3.68 12.45
C SER A 27 -18.79 -3.84 10.99
N ASN A 28 -19.72 -4.34 10.16
CA ASN A 28 -19.51 -4.52 8.71
C ASN A 28 -18.20 -5.22 8.39
N CYS A 29 -18.12 -6.50 8.79
CA CYS A 29 -16.94 -7.33 8.55
C CYS A 29 -17.25 -8.79 8.86
N VAL A 30 -16.46 -9.69 8.25
CA VAL A 30 -16.57 -11.12 8.50
C VAL A 30 -15.76 -11.45 9.74
N ALA A 31 -16.40 -12.15 10.69
CA ALA A 31 -15.82 -12.43 12.00
C ALA A 31 -15.65 -13.92 12.22
N ASP A 32 -14.41 -14.41 12.04
CA ASP A 32 -14.02 -15.75 12.44
C ASP A 32 -13.66 -15.68 13.91
N TYR A 33 -14.42 -16.38 14.75
CA TYR A 33 -14.25 -16.40 16.23
C TYR A 33 -13.30 -17.56 16.60
N SER A 34 -13.03 -18.45 15.66
CA SER A 34 -12.11 -19.58 15.87
C SER A 34 -10.68 -19.11 16.07
N VAL A 35 -10.29 -18.02 15.39
CA VAL A 35 -8.99 -17.39 15.57
C VAL A 35 -8.73 -17.08 17.05
N LEU A 36 -9.81 -16.77 17.79
CA LEU A 36 -9.74 -16.43 19.20
C LEU A 36 -9.72 -17.67 20.09
N TYR A 37 -10.80 -18.47 20.06
CA TYR A 37 -11.06 -19.55 21.04
C TYR A 37 -10.04 -20.70 20.86
N ASN A 38 -9.40 -20.80 19.69
CA ASN A 38 -8.38 -21.82 19.44
C ASN A 38 -6.99 -21.49 19.98
N SER A 39 -6.78 -20.22 20.35
CA SER A 39 -5.51 -19.73 20.90
C SER A 39 -5.36 -20.09 22.38
N ALA A 40 -4.15 -20.52 22.76
CA ALA A 40 -3.80 -20.90 24.13
C ALA A 40 -2.91 -19.86 24.80
N SER A 41 -3.01 -18.61 24.32
CA SER A 41 -2.29 -17.47 24.90
C SER A 41 -3.16 -16.72 25.92
N PHE A 42 -4.27 -17.36 26.35
CA PHE A 42 -5.18 -16.80 27.34
C PHE A 42 -5.22 -17.70 28.58
N SER A 43 -5.20 -17.07 29.76
CA SER A 43 -5.39 -17.74 31.03
C SER A 43 -6.85 -17.63 31.51
N THR A 44 -7.70 -17.03 30.67
CA THR A 44 -9.13 -16.87 30.95
C THR A 44 -9.93 -16.71 29.66
N PHE A 45 -10.96 -17.55 29.50
CA PHE A 45 -11.87 -17.52 28.37
C PHE A 45 -13.21 -18.12 28.77
N LYS A 46 -14.14 -17.26 29.21
CA LYS A 46 -15.46 -17.65 29.69
C LYS A 46 -16.55 -16.99 28.82
N CYS A 47 -17.66 -17.72 28.64
CA CYS A 47 -18.79 -17.26 27.83
C CYS A 47 -20.13 -17.46 28.55
N TYR A 48 -21.12 -16.66 28.16
CA TYR A 48 -22.45 -16.52 28.81
C TYR A 48 -23.54 -16.39 27.74
N GLY A 49 -24.53 -17.29 27.77
CA GLY A 49 -25.67 -17.27 26.87
C GLY A 49 -25.48 -18.12 25.63
N VAL A 50 -24.29 -17.98 25.01
CA VAL A 50 -23.96 -18.62 23.75
C VAL A 50 -22.56 -19.25 23.81
N SER A 51 -22.37 -20.35 23.05
CA SER A 51 -21.10 -21.06 22.96
C SER A 51 -20.20 -20.40 21.91
N PRO A 52 -18.90 -20.20 22.21
CA PRO A 52 -17.98 -19.48 21.32
C PRO A 52 -17.70 -20.18 19.98
N THR A 53 -17.90 -21.51 19.92
CA THR A 53 -17.72 -22.30 18.71
C THR A 53 -18.86 -22.14 17.70
N LYS A 54 -20.03 -21.72 18.18
CA LYS A 54 -21.25 -21.59 17.38
C LYS A 54 -21.37 -20.25 16.67
N LEU A 55 -20.52 -19.29 17.06
CA LEU A 55 -20.58 -17.91 16.59
C LEU A 55 -20.25 -17.73 15.11
N ASN A 56 -19.52 -18.70 14.53
CA ASN A 56 -19.23 -18.74 13.09
C ASN A 56 -20.50 -18.96 12.24
N ASP A 57 -21.57 -19.45 12.87
CA ASP A 57 -22.88 -19.66 12.25
C ASP A 57 -23.74 -18.39 12.26
N LEU A 58 -23.49 -17.53 13.26
CA LEU A 58 -24.45 -16.53 13.71
C LEU A 58 -24.14 -15.10 13.25
N CYS A 59 -25.21 -14.32 13.03
CA CYS A 59 -25.14 -12.92 12.62
C CYS A 59 -25.58 -12.01 13.76
N PHE A 60 -25.03 -10.79 13.78
CA PHE A 60 -25.38 -9.75 14.76
C PHE A 60 -25.38 -8.38 14.09
N THR A 61 -26.09 -7.42 14.71
CA THR A 61 -26.20 -6.07 14.18
C THR A 61 -24.88 -5.31 14.40
N ASN A 62 -24.38 -5.38 15.64
CA ASN A 62 -23.07 -4.85 16.02
C ASN A 62 -22.41 -5.73 17.06
N VAL A 63 -21.10 -5.52 17.24
CA VAL A 63 -20.31 -6.21 18.25
C VAL A 63 -19.41 -5.19 18.92
N TYR A 64 -19.46 -5.15 20.25
CA TYR A 64 -18.74 -4.17 21.10
C TYR A 64 -17.68 -4.90 21.93
N ALA A 65 -16.41 -4.54 21.73
CA ALA A 65 -15.29 -5.12 22.46
C ALA A 65 -14.80 -4.14 23.52
N ASP A 66 -15.41 -4.21 24.70
CA ASP A 66 -14.98 -3.43 25.86
C ASP A 66 -13.66 -4.02 26.33
N SER A 67 -12.66 -3.16 26.59
CA SER A 67 -11.34 -3.62 27.03
C SER A 67 -10.79 -2.77 28.16
N PHE A 68 -9.88 -3.36 28.95
CA PHE A 68 -9.30 -2.66 30.09
C PHE A 68 -8.11 -3.42 30.68
N VAL A 69 -7.49 -2.83 31.72
CA VAL A 69 -6.37 -3.41 32.44
C VAL A 69 -6.63 -3.41 33.95
N ILE A 70 -6.61 -4.60 34.56
CA ILE A 70 -6.84 -4.77 35.99
C ILE A 70 -5.70 -5.56 36.64
N ARG A 71 -5.86 -5.88 37.93
CA ARG A 71 -4.89 -6.66 38.76
C ARG A 71 -4.94 -8.14 38.35
N GLY A 72 -4.67 -9.06 39.29
CA GLY A 72 -4.70 -10.49 39.03
C GLY A 72 -5.98 -11.16 39.50
N ASP A 73 -6.07 -11.37 40.82
CA ASP A 73 -7.19 -12.12 41.43
C ASP A 73 -8.59 -11.65 41.01
N GLU A 74 -8.70 -10.39 40.55
CA GLU A 74 -9.97 -9.75 40.20
C GLU A 74 -10.57 -10.15 38.84
N VAL A 75 -9.90 -11.05 38.11
CA VAL A 75 -10.39 -11.51 36.80
C VAL A 75 -11.79 -12.13 36.90
N ARG A 76 -12.07 -12.81 38.01
CA ARG A 76 -13.35 -13.50 38.27
C ARG A 76 -14.44 -12.48 38.63
N GLN A 77 -14.06 -11.26 39.05
CA GLN A 77 -15.03 -10.17 39.28
C GLN A 77 -15.77 -9.81 38.00
N ILE A 78 -15.05 -9.82 36.87
CA ILE A 78 -15.60 -9.49 35.57
C ILE A 78 -16.61 -10.57 35.17
N ALA A 79 -17.84 -10.43 35.71
CA ALA A 79 -18.92 -11.38 35.51
C ALA A 79 -20.26 -10.79 35.97
N PRO A 80 -21.40 -11.43 35.63
CA PRO A 80 -22.71 -10.99 36.14
C PRO A 80 -22.82 -11.17 37.66
N GLY A 81 -23.70 -10.38 38.30
CA GLY A 81 -24.02 -10.51 39.72
C GLY A 81 -22.89 -10.62 40.71
N GLN A 82 -21.66 -10.29 40.27
CA GLN A 82 -20.46 -10.37 41.10
C GLN A 82 -20.38 -9.21 42.08
N THR A 83 -19.48 -9.35 43.05
CA THR A 83 -19.21 -8.34 44.07
C THR A 83 -17.72 -8.05 44.12
N GLY A 84 -17.38 -6.84 44.60
CA GLY A 84 -16.00 -6.39 44.71
C GLY A 84 -15.80 -4.99 44.15
N LYS A 85 -14.64 -4.41 44.48
CA LYS A 85 -14.29 -3.03 44.13
C LYS A 85 -14.55 -2.72 42.65
N ILE A 86 -14.18 -3.67 41.79
CA ILE A 86 -14.24 -3.51 40.34
C ILE A 86 -15.67 -3.68 39.83
N ALA A 87 -16.36 -4.72 40.30
CA ALA A 87 -17.74 -5.01 39.94
C ALA A 87 -18.73 -3.98 40.50
N ASP A 88 -18.25 -3.09 41.39
CA ASP A 88 -19.08 -2.09 42.06
C ASP A 88 -18.86 -0.66 41.55
N TYR A 89 -17.60 -0.24 41.45
CA TYR A 89 -17.19 1.18 41.26
C TYR A 89 -16.43 1.39 39.93
N ASN A 90 -16.23 0.36 39.10
CA ASN A 90 -15.41 0.47 37.89
C ASN A 90 -16.05 -0.05 36.62
N TYR A 91 -16.28 -1.37 36.56
CA TYR A 91 -16.85 -2.10 35.40
C TYR A 91 -17.78 -3.22 35.89
N LYS A 92 -19.05 -3.17 35.47
CA LYS A 92 -20.09 -4.08 35.93
C LYS A 92 -20.85 -4.68 34.74
N LEU A 93 -20.92 -6.03 34.71
CA LEU A 93 -21.66 -6.76 33.70
C LEU A 93 -23.08 -7.09 34.19
N PRO A 94 -24.11 -7.05 33.30
CA PRO A 94 -25.49 -7.28 33.69
C PRO A 94 -25.76 -8.74 34.09
N ASP A 95 -26.84 -8.96 34.86
CA ASP A 95 -27.25 -10.29 35.32
C ASP A 95 -27.58 -11.22 34.15
N ASP A 96 -28.08 -10.64 33.05
CA ASP A 96 -28.46 -11.38 31.84
C ASP A 96 -27.52 -11.06 30.66
N PHE A 97 -26.21 -11.19 30.90
CA PHE A 97 -25.18 -10.87 29.93
C PHE A 97 -25.08 -11.94 28.84
N THR A 98 -25.03 -11.51 27.58
CA THR A 98 -24.92 -12.36 26.40
C THR A 98 -23.60 -12.07 25.69
N GLY A 99 -22.53 -12.72 26.13
CA GLY A 99 -21.19 -12.45 25.60
C GLY A 99 -20.09 -13.32 26.17
N CYS A 100 -18.84 -12.85 26.03
CA CYS A 100 -17.65 -13.58 26.46
C CYS A 100 -16.57 -12.66 27.05
N VAL A 101 -15.97 -13.13 28.15
CA VAL A 101 -14.92 -12.43 28.89
C VAL A 101 -13.61 -13.18 28.71
N ILE A 102 -12.59 -12.48 28.20
CA ILE A 102 -11.28 -13.07 27.92
C ILE A 102 -10.16 -12.21 28.52
N ALA A 103 -9.20 -12.86 29.18
CA ALA A 103 -8.11 -12.19 29.89
C ALA A 103 -6.81 -12.99 29.85
N TRP A 104 -5.70 -12.32 30.18
CA TRP A 104 -4.38 -12.94 30.18
C TRP A 104 -3.37 -12.14 31.00
N ASN A 105 -2.30 -12.81 31.46
CA ASN A 105 -1.23 -12.17 32.23
C ASN A 105 -0.43 -11.25 31.33
N SER A 106 -0.15 -10.03 31.82
CA SER A 106 0.64 -9.04 31.09
C SER A 106 1.70 -8.39 31.97
N ASN A 107 2.28 -9.18 32.87
CA ASN A 107 3.33 -8.73 33.79
C ASN A 107 4.54 -8.23 33.02
N ASN A 108 4.82 -8.88 31.89
CA ASN A 108 5.93 -8.53 31.02
C ASN A 108 5.70 -7.21 30.26
N LEU A 109 4.42 -6.87 30.06
CA LEU A 109 4.01 -5.72 29.25
C LEU A 109 3.69 -4.46 30.08
N ASP A 110 3.12 -4.66 31.27
CA ASP A 110 2.57 -3.57 32.09
C ASP A 110 3.12 -3.47 33.53
N SER A 111 4.36 -3.92 33.73
CA SER A 111 5.08 -3.76 35.01
C SER A 111 6.44 -3.12 34.78
N LYS A 112 6.87 -2.29 35.73
CA LYS A 112 8.14 -1.59 35.68
C LYS A 112 8.94 -1.76 36.97
N VAL A 113 10.26 -1.53 36.88
CA VAL A 113 11.17 -1.54 38.03
C VAL A 113 10.85 -0.35 38.92
N GLY A 114 10.49 -0.63 40.18
CA GLY A 114 9.98 0.37 41.10
C GLY A 114 8.48 0.57 41.03
N GLY A 115 7.83 -0.06 40.03
CA GLY A 115 6.39 -0.05 39.88
C GLY A 115 5.89 0.78 38.70
N ASN A 116 4.84 0.26 38.05
CA ASN A 116 4.10 0.97 36.99
C ASN A 116 2.72 1.38 37.53
N TYR A 117 2.58 2.66 37.88
CA TYR A 117 1.42 3.24 38.61
C TYR A 117 0.44 3.91 37.64
N ASN A 118 0.85 4.18 36.40
CA ASN A 118 0.01 4.87 35.43
C ASN A 118 -1.34 4.18 35.15
N TYR A 119 -1.52 2.96 35.66
CA TYR A 119 -2.80 2.21 35.68
C TYR A 119 -3.53 2.43 37.01
N LEU A 120 -4.79 2.86 36.95
CA LEU A 120 -5.58 3.24 38.13
C LEU A 120 -6.93 2.55 38.18
N TYR A 121 -7.66 2.77 39.29
CA TYR A 121 -9.03 2.24 39.55
C TYR A 121 -9.74 3.16 40.56
N ARG A 122 -11.08 3.20 40.52
CA ARG A 122 -11.92 3.97 41.47
C ARG A 122 -12.12 3.13 42.74
N LEU A 123 -11.70 3.68 43.89
CA LEU A 123 -11.75 2.98 45.18
C LEU A 123 -13.03 3.32 45.95
N PHE A 124 -13.33 4.61 46.06
CA PHE A 124 -14.50 5.11 46.77
C PHE A 124 -15.57 5.55 45.80
N ARG A 125 -16.80 5.11 46.06
CA ARG A 125 -18.03 5.57 45.34
C ARG A 125 -19.23 5.37 46.28
N LYS A 126 -20.18 6.31 46.25
CA LYS A 126 -21.28 6.37 47.21
C LYS A 126 -22.33 5.29 46.92
N SER A 127 -22.42 4.87 45.66
CA SER A 127 -23.26 3.76 45.22
C SER A 127 -22.60 3.01 44.07
N ASN A 128 -23.18 1.85 43.73
CA ASN A 128 -22.63 0.97 42.71
C ASN A 128 -23.13 1.29 41.30
N LEU A 129 -22.31 0.96 40.30
CA LEU A 129 -22.62 1.26 38.91
C LEU A 129 -23.72 0.37 38.35
N LYS A 130 -24.33 0.82 37.24
CA LYS A 130 -25.28 0.04 36.46
C LYS A 130 -24.51 -0.71 35.38
N PRO A 131 -25.09 -1.77 34.76
CA PRO A 131 -24.38 -2.55 33.74
C PRO A 131 -23.82 -1.69 32.59
N PHE A 132 -22.50 -1.76 32.38
CA PHE A 132 -21.78 -1.01 31.34
C PHE A 132 -21.68 0.51 31.60
N GLU A 133 -21.48 0.90 32.85
CA GLU A 133 -21.35 2.31 33.23
C GLU A 133 -19.89 2.68 33.51
N ARG A 134 -19.53 3.93 33.24
CA ARG A 134 -18.17 4.50 33.45
C ARG A 134 -18.30 5.87 34.14
N ASP A 135 -17.67 6.01 35.32
CA ASP A 135 -17.56 7.29 36.02
C ASP A 135 -16.17 7.85 35.73
N ILE A 136 -16.08 9.18 35.65
CA ILE A 136 -14.87 9.90 35.25
C ILE A 136 -14.71 11.26 35.95
N SER A 137 -15.21 11.36 37.18
CA SER A 137 -15.15 12.61 37.95
C SER A 137 -13.73 12.99 38.31
N PRO A 159 -10.03 10.01 45.96
CA PRO A 159 -11.09 9.75 44.97
C PRO A 159 -10.84 8.46 44.17
N LEU A 160 -9.61 8.26 43.69
CA LEU A 160 -9.17 7.08 42.95
C LEU A 160 -7.91 6.55 43.60
N GLN A 161 -7.41 5.42 43.09
CA GLN A 161 -6.19 4.80 43.60
C GLN A 161 -5.41 4.11 42.49
N SER A 162 -4.08 4.21 42.57
CA SER A 162 -3.16 3.59 41.62
C SER A 162 -2.94 2.13 41.98
N TYR A 163 -2.75 1.30 40.95
CA TYR A 163 -2.52 -0.18 41.10
C TYR A 163 -1.08 -0.42 41.57
N GLY A 164 -0.09 0.02 40.78
CA GLY A 164 1.31 -0.17 41.10
C GLY A 164 1.77 -1.59 40.87
N PHE A 165 2.05 -1.91 39.60
CA PHE A 165 2.48 -3.24 39.18
C PHE A 165 4.01 -3.33 39.13
N GLN A 166 4.57 -4.14 40.04
CA GLN A 166 5.97 -4.53 39.99
C GLN A 166 6.09 -5.94 39.41
N PRO A 167 7.12 -6.22 38.57
CA PRO A 167 7.30 -7.55 37.99
C PRO A 167 7.62 -8.61 39.06
N THR A 168 8.17 -8.17 40.20
CA THR A 168 8.49 -9.02 41.33
C THR A 168 7.27 -9.52 42.14
N ASN A 169 6.07 -9.08 41.74
CA ASN A 169 4.82 -9.46 42.41
C ASN A 169 4.47 -10.94 42.24
N GLY A 170 3.48 -11.39 43.02
CA GLY A 170 2.88 -12.71 42.87
C GLY A 170 1.83 -12.69 41.79
N VAL A 171 1.36 -13.88 41.38
CA VAL A 171 0.37 -14.05 40.31
C VAL A 171 -0.89 -13.22 40.54
N GLY A 172 -1.33 -13.15 41.80
CA GLY A 172 -2.55 -12.47 42.18
C GLY A 172 -2.50 -10.95 42.08
N TYR A 173 -1.28 -10.40 42.07
CA TYR A 173 -0.98 -8.93 42.13
C TYR A 173 -0.36 -8.42 40.82
N GLN A 174 -0.21 -9.29 39.81
CA GLN A 174 0.34 -8.89 38.52
C GLN A 174 -0.75 -8.38 37.59
N PRO A 175 -0.42 -7.49 36.62
CA PRO A 175 -1.43 -6.91 35.74
C PRO A 175 -1.98 -7.92 34.72
N TYR A 176 -3.29 -7.88 34.48
CA TYR A 176 -4.02 -8.72 33.49
C TYR A 176 -4.89 -7.82 32.60
N ARG A 177 -4.51 -7.69 31.34
CA ARG A 177 -5.34 -7.05 30.28
C ARG A 177 -6.55 -7.96 30.00
N VAL A 178 -7.71 -7.36 29.78
CA VAL A 178 -8.99 -8.07 29.61
C VAL A 178 -9.83 -7.42 28.52
N VAL A 179 -10.59 -8.26 27.80
CA VAL A 179 -11.53 -7.81 26.79
C VAL A 179 -12.85 -8.57 26.93
N VAL A 180 -13.96 -7.85 26.73
CA VAL A 180 -15.30 -8.40 26.83
C VAL A 180 -16.07 -8.12 25.55
N LEU A 181 -16.60 -9.18 24.94
CA LEU A 181 -17.39 -9.08 23.72
C LEU A 181 -18.88 -9.04 24.04
N SER A 182 -19.60 -8.14 23.38
CA SER A 182 -21.05 -8.03 23.53
C SER A 182 -21.71 -8.05 22.16
N PHE A 183 -22.67 -8.96 21.99
CA PHE A 183 -23.33 -9.18 20.70
C PHE A 183 -24.73 -8.57 20.69
N GLU A 184 -24.95 -7.63 19.76
CA GLU A 184 -26.15 -6.83 19.71
C GLU A 184 -27.21 -7.41 18.77
N LEU A 185 -28.44 -7.50 19.28
CA LEU A 185 -29.55 -8.19 18.64
C LEU A 185 -30.66 -7.22 18.24
N LEU A 186 -30.36 -6.32 17.30
CA LEU A 186 -31.30 -5.29 16.84
C LEU A 186 -32.20 -5.78 15.72
N HIS A 187 -33.40 -5.19 15.62
CA HIS A 187 -34.28 -5.37 14.47
C HIS A 187 -33.85 -4.36 13.42
N ALA A 188 -32.63 -4.58 12.90
CA ALA A 188 -31.97 -3.73 11.92
C ALA A 188 -30.97 -4.59 11.16
N PRO A 189 -30.50 -4.15 9.96
CA PRO A 189 -29.62 -4.98 9.13
C PRO A 189 -28.40 -5.55 9.87
N ALA A 190 -28.16 -6.86 9.73
CA ALA A 190 -27.02 -7.53 10.37
C ALA A 190 -25.77 -7.31 9.54
N THR A 191 -24.68 -6.90 10.20
CA THR A 191 -23.42 -6.54 9.54
C THR A 191 -22.19 -7.33 10.01
N VAL A 192 -22.34 -8.10 11.09
CA VAL A 192 -21.25 -8.90 11.66
C VAL A 192 -21.67 -10.37 11.76
N CYS A 193 -21.25 -11.15 10.76
CA CYS A 193 -21.53 -12.58 10.67
C CYS A 193 -20.24 -13.38 10.59
N GLY A 194 -20.33 -14.66 10.95
CA GLY A 194 -19.22 -15.59 10.85
C GLY A 194 -19.07 -16.14 9.44
N PRO A 195 -18.07 -17.03 9.19
CA PRO A 195 -17.92 -17.69 7.90
C PRO A 195 -19.20 -18.38 7.43
N THR B 1 0.99 11.30 13.89
CA THR B 1 0.19 10.15 13.36
C THR B 1 -0.66 10.60 12.17
N ASN B 2 -1.48 9.68 11.65
CA ASN B 2 -2.43 9.97 10.58
C ASN B 2 -3.55 10.88 11.07
N LEU B 3 -4.40 11.30 10.12
CA LEU B 3 -5.63 12.02 10.44
C LEU B 3 -6.55 11.10 11.23
N CYS B 4 -7.30 11.69 12.18
CA CYS B 4 -8.35 10.97 12.90
C CYS B 4 -9.47 10.63 11.92
N PRO B 5 -10.00 9.38 11.94
CA PRO B 5 -10.92 8.92 10.89
C PRO B 5 -12.29 9.61 10.90
N PHE B 6 -12.28 10.96 10.92
CA PHE B 6 -13.49 11.76 10.91
C PHE B 6 -14.32 11.47 9.67
N GLY B 7 -13.64 11.28 8.53
CA GLY B 7 -14.27 10.92 7.28
C GLY B 7 -15.18 9.71 7.44
N GLU B 8 -14.62 8.63 7.99
CA GLU B 8 -15.33 7.38 8.23
C GLU B 8 -16.64 7.59 8.98
N VAL B 9 -16.58 8.39 10.06
CA VAL B 9 -17.76 8.70 10.85
C VAL B 9 -18.69 9.67 10.09
N PHE B 10 -18.33 10.95 10.07
CA PHE B 10 -19.12 12.03 9.46
C PHE B 10 -19.78 11.69 8.14
N ASN B 11 -19.15 10.79 7.38
CA ASN B 11 -19.81 10.19 6.23
C ASN B 11 -19.49 8.72 6.10
N ALA B 12 -20.36 7.89 6.68
CA ALA B 12 -20.33 6.45 6.50
C ALA B 12 -21.38 6.09 5.45
N THR B 13 -21.14 4.98 4.75
CA THR B 13 -22.10 4.39 3.82
C THR B 13 -23.39 4.06 4.57
N ARG B 14 -24.22 5.10 4.79
CA ARG B 14 -25.50 5.07 5.57
C ARG B 14 -25.21 4.90 7.07
N PHE B 15 -26.06 5.50 7.92
CA PHE B 15 -25.92 5.48 9.38
C PHE B 15 -26.93 4.54 10.05
N ALA B 16 -26.88 4.51 11.39
CA ALA B 16 -27.80 3.72 12.22
C ALA B 16 -28.94 4.56 12.78
N SER B 17 -29.99 3.86 13.24
CA SER B 17 -31.19 4.49 13.81
C SER B 17 -30.88 5.20 15.12
N VAL B 18 -31.77 6.14 15.48
CA VAL B 18 -31.54 7.05 16.60
C VAL B 18 -31.58 6.37 17.98
N TYR B 19 -32.59 5.51 18.19
CA TYR B 19 -32.86 4.81 19.48
C TYR B 19 -31.65 3.95 19.87
N ALA B 20 -31.05 3.26 18.89
CA ALA B 20 -29.85 2.46 19.07
C ALA B 20 -28.68 3.14 18.36
N TRP B 21 -28.39 4.37 18.78
CA TRP B 21 -27.36 5.22 18.18
C TRP B 21 -25.96 4.61 18.22
N ASN B 22 -25.10 5.08 17.31
CA ASN B 22 -23.71 4.66 17.19
C ASN B 22 -22.78 5.47 18.11
N ARG B 23 -21.85 4.76 18.74
CA ARG B 23 -20.91 5.28 19.79
C ARG B 23 -19.47 4.94 19.36
N LYS B 24 -18.93 5.70 18.41
CA LYS B 24 -17.61 5.44 17.82
C LYS B 24 -16.52 6.28 18.50
N ARG B 25 -15.44 5.61 18.89
CA ARG B 25 -14.31 6.18 19.68
C ARG B 25 -13.15 6.51 18.74
N ILE B 26 -12.52 7.67 18.95
CA ILE B 26 -11.43 8.18 18.13
C ILE B 26 -10.26 8.58 19.03
N SER B 27 -9.11 7.92 18.82
CA SER B 27 -7.92 8.13 19.65
C SER B 27 -6.61 7.92 18.88
N ASN B 28 -5.51 8.41 19.46
CA ASN B 28 -4.16 8.28 18.90
C ASN B 28 -4.09 8.68 17.44
N CYS B 29 -4.31 9.98 17.18
CA CYS B 29 -4.28 10.53 15.84
C CYS B 29 -4.28 12.05 15.87
N VAL B 30 -3.78 12.67 14.80
CA VAL B 30 -3.78 14.12 14.64
C VAL B 30 -5.14 14.53 14.08
N ALA B 31 -5.78 15.50 14.75
CA ALA B 31 -7.14 15.93 14.43
C ALA B 31 -7.19 17.39 13.98
N ASP B 32 -7.25 17.60 12.67
CA ASP B 32 -7.55 18.91 12.11
C ASP B 32 -9.06 19.06 12.10
N TYR B 33 -9.57 20.03 12.88
CA TYR B 33 -11.02 20.31 13.03
C TYR B 33 -11.46 21.34 11.98
N SER B 34 -10.50 21.99 11.31
CA SER B 34 -10.77 22.97 10.27
C SER B 34 -11.41 22.32 9.04
N VAL B 35 -11.01 21.07 8.74
CA VAL B 35 -11.62 20.27 7.68
C VAL B 35 -13.14 20.23 7.83
N LEU B 36 -13.61 20.23 9.08
CA LEU B 36 -15.03 20.16 9.41
C LEU B 36 -15.71 21.53 9.34
N TYR B 37 -15.29 22.47 10.19
CA TYR B 37 -16.00 23.76 10.42
C TYR B 37 -15.91 24.67 9.18
N ASN B 38 -14.94 24.42 8.28
CA ASN B 38 -14.81 25.18 7.03
C ASN B 38 -15.73 24.71 5.90
N SER B 39 -16.33 23.52 6.06
CA SER B 39 -17.26 22.95 5.07
C SER B 39 -18.65 23.57 5.19
N ALA B 40 -19.27 23.86 4.04
CA ALA B 40 -20.60 24.46 3.95
C ALA B 40 -21.67 23.44 3.53
N SER B 41 -21.39 22.16 3.78
CA SER B 41 -22.30 21.06 3.47
C SER B 41 -23.17 20.68 4.68
N PHE B 42 -23.20 21.56 5.70
CA PHE B 42 -23.99 21.36 6.91
C PHE B 42 -25.04 22.45 7.04
N SER B 43 -26.26 22.04 7.42
CA SER B 43 -27.35 22.97 7.76
C SER B 43 -27.46 23.18 9.27
N THR B 44 -26.51 22.59 10.03
CA THR B 44 -26.44 22.72 11.48
C THR B 44 -25.02 22.46 11.97
N PHE B 45 -24.48 23.41 12.75
CA PHE B 45 -23.14 23.31 13.34
C PHE B 45 -23.08 24.20 14.57
N LYS B 46 -23.37 23.60 15.73
CA LYS B 46 -23.42 24.28 17.02
C LYS B 46 -22.40 23.67 17.98
N CYS B 47 -21.81 24.52 18.83
CA CYS B 47 -20.81 24.11 19.81
C CYS B 47 -21.11 24.67 21.20
N TYR B 48 -20.62 23.98 22.23
CA TYR B 48 -20.93 24.19 23.66
C TYR B 48 -19.66 24.04 24.50
N GLY B 49 -19.30 25.09 25.25
CA GLY B 49 -18.14 25.09 26.13
C GLY B 49 -16.87 25.60 25.47
N VAL B 50 -16.62 25.16 24.24
CA VAL B 50 -15.40 25.48 23.49
C VAL B 50 -15.74 25.87 22.05
N SER B 51 -14.92 26.76 21.49
CA SER B 51 -15.05 27.23 20.11
C SER B 51 -14.38 26.26 19.14
N PRO B 52 -15.03 25.91 18.00
CA PRO B 52 -14.50 24.88 17.08
C PRO B 52 -13.19 25.26 16.38
N THR B 53 -12.90 26.56 16.28
CA THR B 53 -11.67 27.08 15.68
C THR B 53 -10.44 26.93 16.57
N LYS B 54 -10.67 26.80 17.89
CA LYS B 54 -9.61 26.72 18.90
C LYS B 54 -9.08 25.31 19.11
N LEU B 55 -9.81 24.31 18.58
CA LEU B 55 -9.53 22.90 18.83
C LEU B 55 -8.22 22.40 18.21
N ASN B 56 -7.73 23.11 17.18
CA ASN B 56 -6.43 22.83 16.58
C ASN B 56 -5.25 23.08 17.54
N ASP B 57 -5.51 23.86 18.60
CA ASP B 57 -4.55 24.17 19.67
C ASP B 57 -4.51 23.09 20.74
N LEU B 58 -5.65 22.41 20.92
CA LEU B 58 -5.98 21.68 22.15
C LEU B 58 -5.81 20.16 22.04
N CYS B 59 -5.44 19.55 23.17
CA CYS B 59 -5.26 18.11 23.31
C CYS B 59 -6.37 17.52 24.19
N PHE B 60 -6.69 16.25 23.93
CA PHE B 60 -7.69 15.49 24.69
C PHE B 60 -7.24 14.04 24.85
N THR B 61 -7.78 13.36 25.87
CA THR B 61 -7.43 11.96 26.14
C THR B 61 -8.10 11.04 25.12
N ASN B 62 -9.40 11.26 24.90
CA ASN B 62 -10.19 10.60 23.85
C ASN B 62 -11.23 11.53 23.27
N VAL B 63 -11.77 11.14 22.11
CA VAL B 63 -12.81 11.87 21.43
C VAL B 63 -13.85 10.86 20.94
N TYR B 64 -15.11 11.09 21.30
CA TYR B 64 -16.25 10.18 21.00
C TYR B 64 -17.21 10.87 20.02
N ALA B 65 -17.39 10.28 18.84
CA ALA B 65 -18.29 10.79 17.82
C ALA B 65 -19.55 9.96 17.78
N ASP B 66 -20.53 10.35 18.61
CA ASP B 66 -21.85 9.74 18.61
C ASP B 66 -22.57 10.18 17.36
N SER B 67 -23.18 9.23 16.64
CA SER B 67 -23.88 9.54 15.39
C SER B 67 -25.22 8.84 15.31
N PHE B 68 -26.14 9.40 14.50
CA PHE B 68 -27.48 8.84 14.35
C PHE B 68 -28.25 9.48 13.19
N VAL B 69 -29.47 8.98 12.96
CA VAL B 69 -30.37 9.50 11.93
C VAL B 69 -31.75 9.80 12.53
N ILE B 70 -32.19 11.06 12.41
CA ILE B 70 -33.47 11.52 12.92
C ILE B 70 -34.29 12.21 11.82
N ARG B 71 -35.44 12.77 12.21
CA ARG B 71 -36.39 13.51 11.32
C ARG B 71 -35.79 14.88 10.99
N GLY B 72 -36.63 15.90 10.76
CA GLY B 72 -36.20 17.25 10.44
C GLY B 72 -36.23 18.19 11.64
N ASP B 73 -37.44 18.64 11.99
CA ASP B 73 -37.65 19.64 13.05
C ASP B 73 -36.94 19.33 14.39
N GLU B 74 -36.64 18.05 14.63
CA GLU B 74 -36.06 17.58 15.89
C GLU B 74 -34.55 17.82 16.07
N VAL B 75 -33.91 18.46 15.08
CA VAL B 75 -32.48 18.77 15.17
C VAL B 75 -32.14 19.63 16.39
N ARG B 76 -33.07 20.52 16.76
CA ARG B 76 -32.93 21.44 17.92
C ARG B 76 -33.10 20.67 19.24
N GLN B 77 -33.73 19.49 19.22
CA GLN B 77 -33.84 18.64 20.42
C GLN B 77 -32.46 18.21 20.91
N ILE B 78 -31.56 17.91 19.96
CA ILE B 78 -30.21 17.47 20.24
C ILE B 78 -29.44 18.62 20.90
N ALA B 79 -29.65 18.78 22.21
CA ALA B 79 -29.06 19.85 23.01
C ALA B 79 -29.23 19.59 24.50
N PRO B 80 -28.55 20.35 25.38
CA PRO B 80 -28.75 20.23 26.84
C PRO B 80 -30.16 20.67 27.26
N GLY B 81 -30.65 20.14 28.39
CA GLY B 81 -31.90 20.55 29.01
C GLY B 81 -33.14 20.63 28.13
N GLN B 82 -33.07 20.04 26.93
CA GLN B 82 -34.17 20.06 25.97
C GLN B 82 -35.26 19.06 26.33
N THR B 83 -36.41 19.20 25.67
CA THR B 83 -37.57 18.36 25.86
C THR B 83 -38.05 17.83 24.52
N GLY B 84 -38.74 16.69 24.56
CA GLY B 84 -39.28 16.05 23.35
C GLY B 84 -38.97 14.57 23.30
N LYS B 85 -39.66 13.87 22.40
CA LYS B 85 -39.58 12.41 22.26
C LYS B 85 -38.15 11.89 22.21
N ILE B 86 -37.29 12.62 21.47
CA ILE B 86 -35.90 12.23 21.23
C ILE B 86 -35.03 12.53 22.44
N ALA B 87 -35.18 13.73 23.00
CA ALA B 87 -34.44 14.16 24.18
C ALA B 87 -34.86 13.41 25.46
N ASP B 88 -35.94 12.63 25.37
CA ASP B 88 -36.50 11.89 26.51
C ASP B 88 -36.25 10.38 26.46
N TYR B 89 -36.53 9.75 25.31
CA TYR B 89 -36.62 8.27 25.15
C TYR B 89 -35.58 7.72 24.17
N ASN B 90 -34.71 8.56 23.60
CA ASN B 90 -33.77 8.12 22.56
C ASN B 90 -32.31 8.53 22.79
N TYR B 91 -32.04 9.82 22.73
CA TYR B 91 -30.68 10.43 22.86
C TYR B 91 -30.77 11.76 23.63
N LYS B 92 -30.06 11.87 24.75
CA LYS B 92 -30.10 13.02 25.65
C LYS B 92 -28.69 13.53 25.96
N LEU B 93 -28.48 14.84 25.76
CA LEU B 93 -27.22 15.51 26.09
C LEU B 93 -27.28 16.13 27.48
N PRO B 94 -26.17 16.12 28.26
CA PRO B 94 -26.16 16.65 29.62
C PRO B 94 -26.27 18.18 29.68
N ASP B 95 -26.69 18.71 30.84
CA ASP B 95 -26.83 20.15 31.06
C ASP B 95 -25.49 20.89 30.91
N ASP B 96 -24.40 20.21 31.25
CA ASP B 96 -23.04 20.76 31.17
C ASP B 96 -22.22 20.08 30.08
N PHE B 97 -22.76 20.05 28.86
CA PHE B 97 -22.14 19.38 27.72
C PHE B 97 -20.97 20.20 27.15
N THR B 98 -19.84 19.52 26.92
CA THR B 98 -18.61 20.11 26.37
C THR B 98 -18.31 19.48 25.02
N GLY B 99 -18.91 20.01 23.95
CA GLY B 99 -18.77 19.43 22.62
C GLY B 99 -19.45 20.20 21.50
N CYS B 100 -19.71 19.51 20.39
CA CYS B 100 -20.34 20.10 19.20
C CYS B 100 -21.32 19.15 18.51
N VAL B 101 -22.47 19.71 18.11
CA VAL B 101 -23.55 18.99 17.43
C VAL B 101 -23.62 19.47 15.97
N ILE B 102 -23.48 18.53 15.03
CA ILE B 102 -23.49 18.84 13.61
C ILE B 102 -24.46 17.92 12.85
N ALA B 103 -25.27 18.52 11.96
CA ALA B 103 -26.32 17.81 11.22
C ALA B 103 -26.50 18.37 9.81
N TRP B 104 -27.19 17.59 8.96
CA TRP B 104 -27.47 17.99 7.58
C TRP B 104 -28.61 17.21 6.98
N ASN B 105 -29.25 17.78 5.93
CA ASN B 105 -30.35 17.13 5.22
C ASN B 105 -29.83 15.94 4.43
N SER B 106 -30.54 14.82 4.52
CA SER B 106 -30.18 13.59 3.80
C SER B 106 -31.38 12.94 3.13
N ASN B 107 -32.30 13.79 2.64
CA ASN B 107 -33.49 13.33 1.93
C ASN B 107 -33.14 12.52 0.70
N ASN B 108 -32.04 12.92 0.05
CA ASN B 108 -31.55 12.25 -1.15
C ASN B 108 -30.93 10.88 -0.86
N LEU B 109 -30.44 10.71 0.39
CA LEU B 109 -29.72 9.51 0.81
C LEU B 109 -30.58 8.48 1.56
N ASP B 110 -31.56 8.99 2.34
CA ASP B 110 -32.33 8.16 3.27
C ASP B 110 -33.86 8.23 3.11
N SER B 111 -34.33 8.50 1.89
CA SER B 111 -35.75 8.45 1.54
C SER B 111 -35.97 7.57 0.31
N LYS B 112 -37.10 6.87 0.29
CA LYS B 112 -37.46 5.95 -0.80
C LYS B 112 -38.87 6.22 -1.31
N VAL B 113 -39.15 5.77 -2.54
CA VAL B 113 -40.47 5.84 -3.14
C VAL B 113 -41.41 4.88 -2.40
N GLY B 114 -42.49 5.43 -1.83
CA GLY B 114 -43.38 4.70 -0.94
C GLY B 114 -42.94 4.74 0.52
N GLY B 115 -41.75 5.28 0.78
CA GLY B 115 -41.22 5.48 2.13
C GLY B 115 -40.08 4.55 2.51
N ASN B 116 -39.12 5.10 3.25
CA ASN B 116 -38.01 4.36 3.85
C ASN B 116 -38.21 4.27 5.36
N TYR B 117 -38.63 3.08 5.82
CA TYR B 117 -39.09 2.81 7.22
C TYR B 117 -37.98 2.15 8.05
N ASN B 118 -36.92 1.65 7.40
CA ASN B 118 -35.82 0.97 8.08
C ASN B 118 -35.17 1.78 9.22
N TYR B 119 -35.49 3.09 9.29
CA TYR B 119 -35.09 4.03 10.37
C TYR B 119 -36.21 4.14 11.41
N LEU B 120 -35.88 3.92 12.68
CA LEU B 120 -36.86 3.88 13.77
C LEU B 120 -36.47 4.79 14.94
N TYR B 121 -37.38 4.90 15.92
CA TYR B 121 -37.22 5.65 17.18
C TYR B 121 -38.11 5.05 18.27
N ARG B 122 -37.73 5.22 19.55
CA ARG B 122 -38.51 4.75 20.72
C ARG B 122 -39.58 5.79 21.05
N LEU B 123 -40.86 5.38 21.02
CA LEU B 123 -42.00 6.27 21.24
C LEU B 123 -42.44 6.26 22.70
N PHE B 124 -42.63 5.05 23.25
CA PHE B 124 -43.06 4.86 24.63
C PHE B 124 -41.90 4.45 25.51
N ARG B 125 -41.78 5.11 26.65
CA ARG B 125 -40.83 4.77 27.74
C ARG B 125 -41.39 5.30 29.06
N LYS B 126 -41.24 4.52 30.14
CA LYS B 126 -41.89 4.80 31.42
C LYS B 126 -41.20 5.95 32.16
N SER B 127 -39.91 6.16 31.87
CA SER B 127 -39.16 7.32 32.36
C SER B 127 -38.15 7.79 31.31
N ASN B 128 -37.55 8.95 31.56
CA ASN B 128 -36.60 9.57 30.63
C ASN B 128 -35.17 9.11 30.85
N LEU B 129 -34.38 9.14 29.77
CA LEU B 129 -32.99 8.70 29.79
C LEU B 129 -32.09 9.68 30.52
N LYS B 130 -30.93 9.18 30.95
CA LYS B 130 -29.84 9.98 31.53
C LYS B 130 -28.91 10.39 30.40
N PRO B 131 -28.04 11.41 30.59
CA PRO B 131 -27.14 11.87 29.53
C PRO B 131 -26.29 10.74 28.92
N PHE B 132 -26.41 10.54 27.60
CA PHE B 132 -25.68 9.51 26.85
C PHE B 132 -26.14 8.06 27.12
N GLU B 133 -27.45 7.85 27.29
CA GLU B 133 -28.01 6.53 27.55
C GLU B 133 -28.72 5.96 26.31
N ARG B 134 -28.70 4.64 26.17
CA ARG B 134 -29.31 3.88 25.03
C ARG B 134 -30.13 2.70 25.57
N ASP B 135 -31.42 2.64 25.22
CA ASP B 135 -32.27 1.49 25.52
C ASP B 135 -32.41 0.66 24.26
N ILE B 136 -32.51 -0.67 24.43
CA ILE B 136 -32.53 -1.63 23.32
C ILE B 136 -33.40 -2.86 23.61
N SER B 137 -34.48 -2.67 24.37
CA SER B 137 -35.38 -3.75 24.75
C SER B 137 -36.13 -4.31 23.55
N PRO B 159 -43.90 -0.86 21.09
CA PRO B 159 -42.66 -0.54 21.82
C PRO B 159 -41.87 0.60 21.17
N LEU B 160 -41.71 0.52 19.84
CA LEU B 160 -40.98 1.50 19.04
C LEU B 160 -41.88 1.93 17.88
N GLN B 161 -41.39 2.86 17.07
CA GLN B 161 -42.12 3.35 15.90
C GLN B 161 -41.17 3.73 14.76
N SER B 162 -41.60 3.43 13.53
CA SER B 162 -40.85 3.74 12.32
C SER B 162 -41.07 5.19 11.91
N TYR B 163 -40.03 5.80 11.34
CA TYR B 163 -40.05 7.23 10.88
C TYR B 163 -40.85 7.33 9.57
N GLY B 164 -40.40 6.61 8.54
CA GLY B 164 -41.06 6.60 7.23
C GLY B 164 -40.78 7.87 6.45
N PHE B 165 -39.60 7.93 5.84
CA PHE B 165 -39.15 9.09 5.07
C PHE B 165 -39.49 8.92 3.60
N GLN B 166 -40.40 9.77 3.11
CA GLN B 166 -40.68 9.91 1.68
C GLN B 166 -39.97 11.17 1.16
N PRO B 167 -39.39 11.13 -0.06
CA PRO B 167 -38.71 12.29 -0.63
C PRO B 167 -39.67 13.46 -0.91
N THR B 168 -40.97 13.14 -1.08
CA THR B 168 -42.03 14.12 -1.29
C THR B 168 -42.42 14.93 -0.03
N ASN B 169 -41.78 14.63 1.10
CA ASN B 169 -42.04 15.32 2.37
C ASN B 169 -41.59 16.78 2.37
N GLY B 170 -42.03 17.51 3.41
CA GLY B 170 -41.57 18.85 3.69
C GLY B 170 -40.25 18.82 4.44
N VAL B 171 -39.59 19.99 4.55
CA VAL B 171 -38.28 20.12 5.20
C VAL B 171 -38.26 19.56 6.62
N GLY B 172 -39.37 19.77 7.35
CA GLY B 172 -39.50 19.37 8.74
C GLY B 172 -39.63 17.88 8.96
N TYR B 173 -40.00 17.14 7.91
CA TYR B 173 -40.33 15.68 7.94
C TYR B 173 -39.30 14.86 7.15
N GLN B 174 -38.26 15.50 6.60
CA GLN B 174 -37.22 14.80 5.84
C GLN B 174 -36.12 14.31 6.78
N PRO B 175 -35.39 13.24 6.41
CA PRO B 175 -34.35 12.68 7.28
C PRO B 175 -33.10 13.57 7.36
N TYR B 176 -32.54 13.69 8.57
CA TYR B 176 -31.29 14.43 8.87
C TYR B 176 -30.33 13.55 9.67
N ARG B 177 -29.23 13.14 9.04
CA ARG B 177 -28.09 12.45 9.71
C ARG B 177 -27.39 13.49 10.60
N VAL B 178 -26.94 13.06 11.79
CA VAL B 178 -26.36 13.92 12.81
C VAL B 178 -25.17 13.23 13.49
N VAL B 179 -24.18 14.04 13.88
CA VAL B 179 -23.03 13.57 14.65
C VAL B 179 -22.73 14.55 15.79
N VAL B 180 -22.36 14.00 16.95
CA VAL B 180 -22.04 14.78 18.14
C VAL B 180 -20.66 14.40 18.64
N LEU B 181 -19.78 15.40 18.79
CA LEU B 181 -18.43 15.20 19.29
C LEU B 181 -18.36 15.46 20.78
N SER B 182 -17.65 14.59 21.50
CA SER B 182 -17.45 14.74 22.94
C SER B 182 -15.96 14.62 23.25
N PHE B 183 -15.41 15.64 23.93
CA PHE B 183 -13.98 15.73 24.22
C PHE B 183 -13.69 15.38 25.68
N GLU B 184 -12.89 14.33 25.87
CA GLU B 184 -12.63 13.75 27.18
C GLU B 184 -11.37 14.32 27.84
N LEU B 185 -11.53 14.72 29.11
CA LEU B 185 -10.54 15.45 29.88
C LEU B 185 -10.02 14.61 31.05
N LEU B 186 -9.32 13.50 30.74
CA LEU B 186 -8.81 12.58 31.76
C LEU B 186 -7.44 12.99 32.28
N HIS B 187 -7.15 12.58 33.51
CA HIS B 187 -5.82 12.66 34.10
C HIS B 187 -5.04 11.42 33.63
N ALA B 188 -4.80 11.38 32.31
CA ALA B 188 -4.14 10.28 31.63
C ALA B 188 -3.52 10.83 30.34
N PRO B 189 -2.53 10.14 29.73
CA PRO B 189 -1.86 10.64 28.53
C PRO B 189 -2.82 11.08 27.41
N ALA B 190 -2.60 12.28 26.86
CA ALA B 190 -3.39 12.83 25.76
C ALA B 190 -2.95 12.22 24.43
N THR B 191 -3.92 11.76 23.64
CA THR B 191 -3.66 11.05 22.38
C THR B 191 -4.31 11.69 21.14
N VAL B 192 -5.20 12.68 21.36
CA VAL B 192 -5.90 13.37 20.28
C VAL B 192 -5.67 14.88 20.38
N CYS B 193 -4.71 15.38 19.59
CA CYS B 193 -4.37 16.80 19.52
C CYS B 193 -4.52 17.33 18.10
N GLY B 194 -4.67 18.66 18.00
CA GLY B 194 -4.73 19.35 16.73
C GLY B 194 -3.34 19.59 16.15
N PRO B 195 -3.24 20.23 14.96
CA PRO B 195 -1.96 20.63 14.39
C PRO B 195 -1.05 21.40 15.36
N GLN C 1 -15.23 -9.48 -9.08
CA GLN C 1 -15.55 -9.67 -10.52
C GLN C 1 -17.04 -9.71 -10.79
N LEU C 2 -17.40 -9.45 -12.05
CA LEU C 2 -18.78 -9.52 -12.54
C LEU C 2 -18.83 -10.33 -13.84
N VAL C 3 -19.92 -11.08 -14.02
CA VAL C 3 -20.20 -11.85 -15.24
C VAL C 3 -21.68 -11.73 -15.59
N GLU C 4 -21.95 -11.27 -16.82
CA GLU C 4 -23.31 -11.09 -17.32
C GLU C 4 -23.74 -12.24 -18.23
N SER C 5 -25.06 -12.36 -18.43
CA SER C 5 -25.66 -13.29 -19.39
C SER C 5 -25.34 -12.87 -20.83
N GLY C 6 -25.45 -13.84 -21.75
CA GLY C 6 -25.08 -13.67 -23.15
C GLY C 6 -25.96 -12.72 -23.92
N ALA C 7 -26.11 -12.97 -25.22
CA ALA C 7 -26.88 -12.11 -26.13
C ALA C 7 -28.35 -12.56 -26.19
N GLU C 8 -29.26 -11.58 -26.20
CA GLU C 8 -30.71 -11.85 -26.27
C GLU C 8 -31.38 -11.05 -27.39
N VAL C 9 -32.05 -11.76 -28.30
CA VAL C 9 -32.66 -11.19 -29.49
C VAL C 9 -34.19 -11.27 -29.42
N LYS C 10 -34.76 -10.46 -28.53
CA LYS C 10 -36.21 -10.41 -28.32
C LYS C 10 -36.89 -9.55 -29.41
N LYS C 11 -38.20 -9.32 -29.25
CA LYS C 11 -39.02 -8.61 -30.23
C LYS C 11 -39.92 -7.55 -29.60
N PRO C 12 -40.44 -6.57 -30.40
CA PRO C 12 -41.21 -5.46 -29.85
C PRO C 12 -42.52 -5.93 -29.20
N GLY C 13 -42.90 -5.33 -28.07
CA GLY C 13 -44.07 -5.73 -27.30
C GLY C 13 -43.76 -6.69 -26.16
N SER C 14 -42.70 -7.50 -26.31
CA SER C 14 -42.35 -8.51 -25.30
C SER C 14 -41.48 -7.90 -24.19
N SER C 15 -40.73 -8.76 -23.50
CA SER C 15 -39.91 -8.38 -22.35
C SER C 15 -38.47 -8.87 -22.54
N VAL C 16 -37.67 -8.77 -21.48
CA VAL C 16 -36.32 -9.33 -21.44
C VAL C 16 -35.80 -9.37 -20.01
N LYS C 17 -35.14 -10.48 -19.64
CA LYS C 17 -34.52 -10.66 -18.33
C LYS C 17 -33.02 -10.92 -18.50
N VAL C 18 -32.21 -10.17 -17.74
CA VAL C 18 -30.75 -10.22 -17.80
C VAL C 18 -30.20 -10.48 -16.40
N SER C 19 -29.10 -11.24 -16.31
CA SER C 19 -28.50 -11.61 -15.03
C SER C 19 -27.03 -11.19 -14.92
N CYS C 20 -26.55 -11.04 -13.67
CA CYS C 20 -25.16 -10.65 -13.38
C CYS C 20 -24.64 -11.24 -12.06
N LYS C 21 -23.72 -12.21 -12.16
CA LYS C 21 -23.14 -12.90 -11.00
C LYS C 21 -21.80 -12.31 -10.60
N ALA C 22 -21.58 -12.14 -9.28
CA ALA C 22 -20.40 -11.51 -8.71
C ALA C 22 -19.45 -12.54 -8.08
N SER C 23 -18.19 -12.14 -7.86
CA SER C 23 -17.16 -13.02 -7.29
C SER C 23 -16.00 -12.30 -6.58
N GLY C 24 -15.66 -12.78 -5.37
CA GLY C 24 -14.40 -12.48 -4.71
C GLY C 24 -14.31 -11.24 -3.85
N ASP C 25 -15.31 -11.04 -2.99
CA ASP C 25 -15.36 -9.92 -2.02
C ASP C 25 -16.61 -10.07 -1.12
N THR C 26 -17.13 -8.93 -0.63
CA THR C 26 -18.46 -8.81 -0.05
C THR C 26 -19.49 -8.69 -1.17
N PHE C 27 -20.67 -9.30 -0.98
CA PHE C 27 -21.84 -9.05 -1.82
C PHE C 27 -22.93 -8.29 -1.06
N TYR C 28 -22.87 -8.37 0.28
CA TYR C 28 -23.83 -7.75 1.22
C TYR C 28 -23.75 -6.23 1.07
N THR C 29 -22.77 -5.62 1.72
CA THR C 29 -22.76 -4.19 2.02
C THR C 29 -22.39 -3.23 0.87
N PHE C 30 -22.27 -3.74 -0.36
CA PHE C 30 -21.96 -2.92 -1.55
C PHE C 30 -23.11 -2.99 -2.58
N ASP C 31 -23.25 -1.93 -3.38
CA ASP C 31 -24.41 -1.75 -4.29
C ASP C 31 -24.30 -2.52 -5.61
N ILE C 32 -25.34 -2.40 -6.45
CA ILE C 32 -25.40 -2.92 -7.83
C ILE C 32 -26.21 -1.95 -8.69
N SER C 33 -25.72 -1.69 -9.92
CA SER C 33 -26.36 -0.77 -10.86
C SER C 33 -26.54 -1.40 -12.25
N TRP C 34 -27.41 -0.78 -13.04
CA TRP C 34 -27.65 -1.19 -14.44
C TRP C 34 -27.58 0.00 -15.40
N VAL C 35 -26.60 -0.03 -16.30
CA VAL C 35 -26.35 1.07 -17.24
C VAL C 35 -26.38 0.59 -18.69
N ARG C 36 -27.31 1.12 -19.49
CA ARG C 36 -27.50 0.76 -20.92
C ARG C 36 -26.79 1.79 -21.81
N GLN C 37 -26.47 1.38 -23.05
CA GLN C 37 -25.79 2.21 -24.03
C GLN C 37 -26.20 1.78 -25.44
N ALA C 38 -27.04 2.59 -26.09
CA ALA C 38 -27.44 2.35 -27.47
C ALA C 38 -26.25 2.60 -28.41
N PRO C 39 -26.16 1.89 -29.56
CA PRO C 39 -25.02 2.05 -30.46
C PRO C 39 -24.77 3.51 -30.84
N GLY C 40 -23.71 4.10 -30.28
CA GLY C 40 -23.26 5.44 -30.61
C GLY C 40 -23.81 6.56 -29.74
N GLN C 41 -24.33 6.20 -28.56
CA GLN C 41 -24.89 7.15 -27.61
C GLN C 41 -24.11 7.14 -26.30
N GLY C 42 -24.60 7.93 -25.33
CA GLY C 42 -24.05 8.00 -23.98
C GLY C 42 -24.61 6.91 -23.08
N LEU C 43 -24.19 6.94 -21.82
CA LEU C 43 -24.55 5.92 -20.84
C LEU C 43 -25.80 6.32 -20.05
N GLU C 44 -26.85 5.51 -20.16
CA GLU C 44 -28.12 5.72 -19.46
C GLU C 44 -28.20 4.83 -18.23
N TRP C 45 -28.25 5.46 -17.05
CA TRP C 45 -28.47 4.76 -15.78
C TRP C 45 -29.96 4.46 -15.65
N MET C 46 -30.28 3.16 -15.50
CA MET C 46 -31.66 2.70 -15.44
C MET C 46 -32.14 2.56 -13.99
N GLY C 47 -31.29 1.98 -13.15
CA GLY C 47 -31.60 1.75 -11.75
C GLY C 47 -30.44 1.24 -10.92
N GLY C 48 -30.61 1.32 -9.59
CA GLY C 48 -29.56 1.00 -8.63
C GLY C 48 -30.06 0.59 -7.26
N ILE C 49 -29.52 -0.52 -6.75
CA ILE C 49 -29.97 -1.16 -5.52
C ILE C 49 -28.79 -1.36 -4.57
N SER C 50 -29.00 -1.06 -3.29
CA SER C 50 -28.12 -1.48 -2.20
C SER C 50 -28.64 -2.82 -1.69
N PRO C 51 -27.98 -3.96 -1.99
CA PRO C 51 -28.51 -5.29 -1.65
C PRO C 51 -28.97 -5.51 -0.19
N VAL C 52 -28.16 -5.10 0.80
CA VAL C 52 -28.52 -5.22 2.23
C VAL C 52 -29.77 -4.40 2.55
N PHE C 53 -29.89 -3.22 1.94
CA PHE C 53 -31.06 -2.36 2.03
C PHE C 53 -31.96 -2.60 0.83
N ASP C 54 -32.48 -3.84 0.71
CA ASP C 54 -33.33 -4.29 -0.40
C ASP C 54 -34.34 -3.22 -0.80
N ALA C 55 -33.88 -2.28 -1.64
CA ALA C 55 -34.66 -1.14 -2.08
C ALA C 55 -34.17 -0.73 -3.47
N PRO C 56 -34.86 -1.17 -4.56
CA PRO C 56 -34.42 -0.86 -5.92
C PRO C 56 -34.83 0.54 -6.39
N ASN C 57 -33.86 1.38 -6.75
CA ASN C 57 -34.10 2.68 -7.36
C ASN C 57 -34.28 2.49 -8.86
N TYR C 58 -35.29 3.17 -9.42
CA TYR C 58 -35.59 3.23 -10.87
C TYR C 58 -35.58 4.70 -11.31
N ALA C 59 -34.97 4.98 -12.47
CA ALA C 59 -35.12 6.27 -13.12
C ALA C 59 -36.59 6.39 -13.55
N GLN C 60 -37.17 7.59 -13.39
CA GLN C 60 -38.55 7.86 -13.77
C GLN C 60 -38.73 7.77 -15.30
N LYS C 61 -37.62 7.93 -16.02
CA LYS C 61 -37.53 7.72 -17.46
C LYS C 61 -37.69 6.24 -17.85
N PHE C 62 -37.72 5.36 -16.83
CA PHE C 62 -37.82 3.91 -17.00
C PHE C 62 -38.91 3.22 -16.16
N GLN C 63 -39.46 3.91 -15.16
CA GLN C 63 -40.50 3.35 -14.31
C GLN C 63 -41.75 2.93 -15.10
N ASP C 64 -42.51 2.01 -14.51
CA ASP C 64 -43.64 1.32 -15.14
C ASP C 64 -43.20 0.48 -16.36
N ARG C 65 -41.92 0.12 -16.40
CA ARG C 65 -41.32 -0.72 -17.48
C ARG C 65 -40.09 -1.51 -16.99
N VAL C 66 -39.60 -1.28 -15.75
CA VAL C 66 -38.36 -1.89 -15.26
C VAL C 66 -38.50 -2.51 -13.86
N THR C 67 -37.89 -3.68 -13.68
CA THR C 67 -37.88 -4.40 -12.41
C THR C 67 -36.47 -4.92 -12.10
N ILE C 68 -35.99 -4.68 -10.86
CA ILE C 68 -34.67 -5.13 -10.42
C ILE C 68 -34.78 -5.91 -9.11
N THR C 69 -34.10 -7.07 -9.06
CA THR C 69 -34.06 -7.95 -7.88
C THR C 69 -32.69 -8.65 -7.78
N ALA C 70 -32.16 -8.75 -6.55
CA ALA C 70 -30.84 -9.30 -6.26
C ALA C 70 -30.89 -10.41 -5.21
N ASP C 71 -30.20 -11.53 -5.49
CA ASP C 71 -30.20 -12.72 -4.64
C ASP C 71 -28.84 -12.89 -3.95
N LYS C 72 -28.81 -12.75 -2.62
CA LYS C 72 -27.57 -12.81 -1.84
C LYS C 72 -26.97 -14.22 -1.72
N SER C 73 -27.81 -15.25 -1.89
CA SER C 73 -27.38 -16.65 -1.83
C SER C 73 -26.57 -17.02 -3.07
N THR C 74 -27.08 -16.62 -4.25
CA THR C 74 -26.42 -16.86 -5.52
C THR C 74 -25.51 -15.69 -5.97
N SER C 75 -25.49 -14.61 -5.17
CA SER C 75 -24.70 -13.41 -5.44
C SER C 75 -24.88 -12.92 -6.88
N THR C 76 -26.15 -12.88 -7.31
CA THR C 76 -26.53 -12.53 -8.66
C THR C 76 -27.67 -11.51 -8.65
N ALA C 77 -27.57 -10.51 -9.54
CA ALA C 77 -28.60 -9.50 -9.76
C ALA C 77 -29.31 -9.77 -11.08
N TYR C 78 -30.58 -9.37 -11.14
CA TYR C 78 -31.49 -9.55 -12.31
C TYR C 78 -32.16 -8.23 -12.67
N MET C 79 -32.31 -7.96 -13.97
CA MET C 79 -33.04 -6.81 -14.48
C MET C 79 -34.00 -7.26 -15.58
N GLU C 80 -35.28 -6.85 -15.43
CA GLU C 80 -36.33 -7.15 -16.39
C GLU C 80 -36.87 -5.85 -16.98
N LEU C 81 -36.98 -5.81 -18.32
CA LEU C 81 -37.61 -4.70 -19.05
C LEU C 81 -38.87 -5.21 -19.76
N SER C 82 -39.86 -4.34 -19.94
CA SER C 82 -41.16 -4.72 -20.51
C SER C 82 -41.56 -3.89 -21.73
N SER C 83 -42.63 -4.34 -22.39
CA SER C 83 -43.22 -3.71 -23.58
C SER C 83 -42.16 -3.02 -24.43
N LEU C 84 -41.19 -3.82 -24.91
CA LEU C 84 -40.00 -3.33 -25.58
C LEU C 84 -40.29 -2.75 -26.96
N ARG C 85 -39.41 -1.84 -27.40
CA ARG C 85 -39.36 -1.28 -28.78
C ARG C 85 -37.92 -1.39 -29.30
N SER C 86 -37.73 -1.26 -30.61
CA SER C 86 -36.41 -1.31 -31.24
C SER C 86 -35.46 -0.21 -30.71
N GLU C 87 -36.03 0.86 -30.17
CA GLU C 87 -35.28 1.95 -29.54
C GLU C 87 -34.61 1.52 -28.22
N ASP C 88 -35.01 0.35 -27.71
CA ASP C 88 -34.39 -0.28 -26.54
C ASP C 88 -33.28 -1.26 -26.91
N THR C 89 -32.95 -1.34 -28.21
CA THR C 89 -31.82 -2.13 -28.69
C THR C 89 -30.54 -1.45 -28.24
N ALA C 90 -29.78 -2.13 -27.38
CA ALA C 90 -28.59 -1.56 -26.78
C ALA C 90 -27.68 -2.60 -26.13
N ILE C 91 -26.50 -2.13 -25.71
CA ILE C 91 -25.55 -2.88 -24.92
C ILE C 91 -25.80 -2.51 -23.47
N TYR C 92 -26.09 -3.51 -22.63
CA TYR C 92 -26.44 -3.36 -21.19
C TYR C 92 -25.29 -3.89 -20.33
N TYR C 93 -24.90 -3.13 -19.30
CA TYR C 93 -23.81 -3.45 -18.35
C TYR C 93 -24.35 -3.45 -16.91
N CYS C 94 -24.09 -4.54 -16.18
CA CYS C 94 -24.26 -4.59 -14.73
C CYS C 94 -22.99 -3.99 -14.13
N VAL C 95 -23.15 -3.27 -13.02
CA VAL C 95 -22.06 -2.49 -12.44
C VAL C 95 -22.04 -2.54 -10.91
N LYS C 96 -20.83 -2.59 -10.35
CA LYS C 96 -20.60 -2.51 -8.91
C LYS C 96 -20.14 -1.11 -8.51
N PRO C 97 -20.97 -0.34 -7.77
CA PRO C 97 -20.48 0.83 -7.05
C PRO C 97 -19.84 0.44 -5.70
N THR C 98 -18.54 0.09 -5.71
CA THR C 98 -17.76 0.01 -4.47
C THR C 98 -17.36 1.43 -4.12
N TYR C 99 -17.22 1.71 -2.82
CA TYR C 99 -16.94 3.06 -2.25
C TYR C 99 -18.01 4.05 -2.75
N SER C 100 -19.27 3.59 -2.86
CA SER C 100 -20.35 4.40 -3.41
C SER C 100 -20.52 5.72 -2.63
N ASN C 101 -20.64 5.60 -1.31
CA ASN C 101 -20.71 6.76 -0.42
C ASN C 101 -19.39 7.01 0.31
N TYR C 102 -18.69 5.93 0.70
CA TYR C 102 -17.28 5.93 1.18
C TYR C 102 -17.14 6.92 2.35
N VAL C 103 -15.92 7.39 2.64
CA VAL C 103 -15.68 8.44 3.64
C VAL C 103 -15.94 9.82 3.01
N TRP C 104 -15.38 10.05 1.81
CA TRP C 104 -15.69 11.21 0.98
C TRP C 104 -15.77 10.77 -0.50
N GLY C 105 -16.64 9.79 -0.76
CA GLY C 105 -16.79 9.17 -2.07
C GLY C 105 -18.17 9.32 -2.68
N ILE C 106 -18.23 9.06 -4.00
CA ILE C 106 -19.44 9.20 -4.83
C ILE C 106 -19.65 7.92 -5.64
N GLY C 107 -20.57 7.95 -6.61
CA GLY C 107 -21.00 6.77 -7.34
C GLY C 107 -19.93 6.18 -8.23
N ALA C 108 -18.90 5.61 -7.60
CA ALA C 108 -17.72 5.08 -8.27
C ALA C 108 -18.02 3.71 -8.85
N PHE C 109 -18.49 3.72 -10.11
CA PHE C 109 -18.87 2.51 -10.83
C PHE C 109 -17.62 1.87 -11.41
N ASP C 110 -16.82 1.23 -10.53
CA ASP C 110 -15.48 0.75 -10.89
C ASP C 110 -15.52 -0.55 -11.70
N VAL C 111 -16.29 -1.54 -11.23
CA VAL C 111 -16.37 -2.83 -11.88
C VAL C 111 -17.57 -2.82 -12.82
N TRP C 112 -17.30 -3.12 -14.10
CA TRP C 112 -18.31 -3.24 -15.14
C TRP C 112 -18.33 -4.66 -15.65
N GLY C 113 -19.52 -5.16 -15.98
CA GLY C 113 -19.70 -6.48 -16.57
C GLY C 113 -19.19 -6.51 -18.00
N GLN C 114 -18.87 -7.70 -18.50
CA GLN C 114 -18.28 -7.88 -19.83
C GLN C 114 -19.24 -7.61 -21.00
N GLY C 115 -20.44 -7.12 -20.68
CA GLY C 115 -21.39 -6.60 -21.66
C GLY C 115 -22.46 -7.59 -22.08
N THR C 116 -23.64 -7.05 -22.42
CA THR C 116 -24.78 -7.83 -22.92
C THR C 116 -25.41 -7.09 -24.10
N THR C 117 -25.84 -7.84 -25.12
CA THR C 117 -26.40 -7.28 -26.35
C THR C 117 -27.87 -7.63 -26.50
N VAL C 118 -28.74 -6.66 -26.18
CA VAL C 118 -30.18 -6.82 -26.37
C VAL C 118 -30.56 -6.24 -27.72
N THR C 119 -31.21 -7.05 -28.55
CA THR C 119 -31.60 -6.66 -29.91
C THR C 119 -33.10 -6.87 -30.14
N VAL C 120 -33.79 -5.81 -30.56
CA VAL C 120 -35.24 -5.80 -30.73
C VAL C 120 -35.65 -5.23 -32.10
N SER C 121 -36.51 -5.97 -32.80
CA SER C 121 -37.06 -5.57 -34.11
C SER C 121 -38.18 -6.53 -34.56
N SER C 122 -39.03 -6.05 -35.48
CA SER C 122 -40.18 -6.80 -36.00
C SER C 122 -40.72 -7.85 -35.04
N ALA C 123 -36.12 -8.81 -34.39
CA ALA C 123 -36.45 -9.65 -35.54
C ALA C 123 -35.86 -11.05 -35.32
N SER C 124 -35.79 -11.83 -36.40
CA SER C 124 -35.18 -13.15 -36.37
C SER C 124 -33.80 -13.13 -37.00
N THR C 125 -32.94 -14.04 -36.54
CA THR C 125 -31.57 -14.15 -37.02
CA THR C 125 -31.57 -14.15 -37.02
C THR C 125 -31.56 -14.45 -38.52
N LYS C 126 -30.44 -14.14 -39.18
CA LYS C 126 -30.30 -14.28 -40.62
C LYS C 126 -28.84 -14.28 -41.03
N GLY C 127 -28.46 -15.32 -41.79
CA GLY C 127 -27.10 -15.51 -42.26
C GLY C 127 -26.74 -14.53 -43.38
N PRO C 128 -25.52 -13.96 -43.37
CA PRO C 128 -25.12 -12.95 -44.35
C PRO C 128 -24.90 -13.50 -45.78
N SER C 129 -25.04 -12.63 -46.78
CA SER C 129 -24.57 -12.87 -48.13
C SER C 129 -23.30 -12.03 -48.30
N VAL C 130 -22.23 -12.67 -48.77
CA VAL C 130 -20.92 -12.04 -48.93
C VAL C 130 -20.62 -11.80 -50.40
N PHE C 131 -20.05 -10.63 -50.70
CA PHE C 131 -19.74 -10.23 -52.07
C PHE C 131 -18.33 -9.62 -52.16
N PRO C 132 -17.53 -9.99 -53.19
CA PRO C 132 -16.16 -9.50 -53.31
C PRO C 132 -16.07 -8.10 -53.93
N LEU C 133 -14.96 -7.40 -53.67
CA LEU C 133 -14.70 -6.07 -54.23
C LEU C 133 -13.26 -6.02 -54.75
N ALA C 134 -13.13 -6.05 -56.08
CA ALA C 134 -11.86 -6.17 -56.79
C ALA C 134 -11.33 -4.81 -57.23
N PRO C 135 -9.99 -4.63 -57.33
CA PRO C 135 -9.41 -3.38 -57.81
C PRO C 135 -9.49 -3.21 -59.33
N SER C 136 -9.53 -1.96 -59.82
CA SER C 136 -9.63 -1.63 -61.23
C SER C 136 -8.29 -1.10 -61.72
N GLY C 137 0.53 2.96 -56.48
CA GLY C 137 1.53 2.06 -55.92
C GLY C 137 0.89 0.85 -55.28
N THR C 138 -0.17 1.09 -54.49
CA THR C 138 -0.96 0.05 -53.86
C THR C 138 -2.44 0.21 -54.19
N ALA C 139 -3.08 -0.91 -54.53
CA ALA C 139 -4.51 -0.98 -54.83
C ALA C 139 -5.28 -1.46 -53.61
N ALA C 140 -6.59 -1.17 -53.59
CA ALA C 140 -7.50 -1.57 -52.54
C ALA C 140 -8.44 -2.67 -53.01
N LEU C 141 -8.79 -3.56 -52.08
CA LEU C 141 -9.71 -4.67 -52.35
C LEU C 141 -10.39 -5.09 -51.05
N GLY C 142 -11.68 -5.46 -51.15
CA GLY C 142 -12.49 -5.73 -49.98
C GLY C 142 -13.61 -6.74 -50.14
N CYS C 143 -14.41 -6.88 -49.08
CA CYS C 143 -15.59 -7.73 -49.03
C CYS C 143 -16.77 -6.96 -48.45
N LEU C 144 -17.95 -7.19 -49.05
CA LEU C 144 -19.22 -6.63 -48.61
C LEU C 144 -20.04 -7.72 -47.93
N VAL C 145 -20.39 -7.49 -46.66
CA VAL C 145 -21.20 -8.40 -45.86
C VAL C 145 -22.61 -7.83 -45.75
N LYS C 146 -23.55 -8.44 -46.46
CA LYS C 146 -24.90 -7.91 -46.65
C LYS C 146 -25.99 -8.75 -46.00
N ASP C 147 -27.07 -8.07 -45.59
CA ASP C 147 -28.34 -8.69 -45.21
C ASP C 147 -28.22 -9.76 -44.13
N TYR C 148 -27.59 -9.42 -43.01
CA TYR C 148 -27.45 -10.32 -41.83
C TYR C 148 -28.15 -9.71 -40.62
N PHE C 149 -28.36 -10.53 -39.59
CA PHE C 149 -29.03 -10.08 -38.37
C PHE C 149 -28.87 -11.13 -37.27
N PRO C 150 -28.61 -10.74 -35.99
CA PRO C 150 -28.23 -9.38 -35.62
C PRO C 150 -26.70 -9.20 -35.67
N GLU C 151 -26.17 -8.23 -34.93
CA GLU C 151 -24.74 -8.09 -34.68
C GLU C 151 -24.28 -9.19 -33.72
N PRO C 152 -22.97 -9.55 -33.70
CA PRO C 152 -21.97 -9.00 -34.59
C PRO C 152 -21.62 -9.89 -35.79
N VAL C 153 -20.82 -9.35 -36.71
CA VAL C 153 -20.08 -10.10 -37.70
C VAL C 153 -18.61 -9.86 -37.36
N THR C 154 -17.85 -10.95 -37.22
CA THR C 154 -16.40 -10.84 -36.98
C THR C 154 -15.67 -11.31 -38.23
N VAL C 155 -14.79 -10.45 -38.75
CA VAL C 155 -14.13 -10.62 -40.05
C VAL C 155 -12.61 -10.75 -39.90
N SER C 156 -11.99 -11.50 -40.82
CA SER C 156 -10.53 -11.54 -40.99
C SER C 156 -10.18 -11.65 -42.47
N TRP C 157 -8.89 -11.48 -42.78
CA TRP C 157 -8.38 -11.55 -44.15
C TRP C 157 -7.21 -12.53 -44.24
N ASN C 158 -7.32 -13.49 -45.17
CA ASN C 158 -6.39 -14.61 -45.32
C ASN C 158 -6.17 -15.32 -43.99
N SER C 159 -7.29 -15.82 -43.42
CA SER C 159 -7.33 -16.57 -42.17
C SER C 159 -6.88 -15.80 -40.91
N GLY C 160 -6.64 -14.49 -41.07
CA GLY C 160 -6.17 -13.62 -40.00
C GLY C 160 -4.72 -13.18 -40.11
N ALA C 161 -4.01 -13.68 -41.12
CA ALA C 161 -2.61 -13.36 -41.34
C ALA C 161 -2.39 -11.89 -41.74
N LEU C 162 -3.34 -11.35 -42.52
CA LEU C 162 -3.26 -10.02 -43.12
C LEU C 162 -3.93 -8.98 -42.20
N THR C 163 -3.17 -7.92 -41.85
CA THR C 163 -3.61 -6.90 -40.87
C THR C 163 -3.28 -5.43 -41.24
N SER C 164 -2.14 -5.21 -41.92
CA SER C 164 -1.67 -3.87 -42.29
C SER C 164 -2.40 -3.33 -43.52
N GLY C 165 -3.18 -2.26 -43.33
CA GLY C 165 -4.01 -1.67 -44.35
C GLY C 165 -5.43 -2.24 -44.35
N VAL C 166 -5.66 -3.26 -43.51
CA VAL C 166 -6.96 -3.90 -43.36
C VAL C 166 -7.79 -3.10 -42.39
N HIS C 167 -9.02 -2.76 -42.80
CA HIS C 167 -9.95 -2.03 -41.96
C HIS C 167 -11.40 -2.47 -42.24
N THR C 168 -12.13 -2.75 -41.15
CA THR C 168 -13.55 -3.09 -41.18
C THR C 168 -14.34 -1.93 -40.63
N PHE C 169 -15.32 -1.47 -41.42
CA PHE C 169 -16.16 -0.35 -41.05
C PHE C 169 -17.27 -0.80 -40.10
N PRO C 170 -17.60 0.00 -39.07
CA PRO C 170 -18.73 -0.31 -38.19
C PRO C 170 -20.02 -0.59 -38.98
N ALA C 171 -20.76 -1.63 -38.58
CA ALA C 171 -21.94 -2.08 -39.29
C ALA C 171 -23.01 -0.99 -39.37
N VAL C 172 -23.39 -0.64 -40.61
CA VAL C 172 -24.53 0.23 -40.87
C VAL C 172 -25.80 -0.63 -40.88
N LEU C 173 -26.96 0.02 -40.70
CA LEU C 173 -28.27 -0.66 -40.68
C LEU C 173 -29.15 -0.20 -41.83
N GLN C 174 -29.95 -1.12 -42.37
CA GLN C 174 -30.84 -0.87 -43.50
C GLN C 174 -32.26 -0.54 -43.08
N SER C 175 -32.97 0.18 -43.96
CA SER C 175 -34.40 0.46 -43.82
C SER C 175 -35.24 -0.82 -43.91
N SER C 176 -34.67 -1.87 -44.51
CA SER C 176 -35.24 -3.21 -44.53
C SER C 176 -35.29 -3.83 -43.13
N GLY C 177 -34.30 -3.47 -42.29
CA GLY C 177 -34.16 -4.00 -40.94
C GLY C 177 -33.05 -5.04 -40.79
N LEU C 178 -32.21 -5.17 -41.83
CA LEU C 178 -31.03 -6.03 -41.80
C LEU C 178 -29.77 -5.18 -41.77
N TYR C 179 -28.67 -5.78 -41.28
CA TYR C 179 -27.35 -5.12 -41.09
C TYR C 179 -26.47 -5.37 -42.32
N SER C 180 -25.55 -4.43 -42.58
CA SER C 180 -24.51 -4.55 -43.60
C SER C 180 -23.21 -3.92 -43.12
N LEU C 181 -22.08 -4.41 -43.64
CA LEU C 181 -20.77 -3.81 -43.41
C LEU C 181 -19.79 -4.19 -44.51
N SER C 182 -18.57 -3.65 -44.43
CA SER C 182 -17.50 -3.98 -45.37
C SER C 182 -16.13 -3.97 -44.69
N SER C 183 -15.19 -4.72 -45.29
CA SER C 183 -13.82 -4.82 -44.83
C SER C 183 -12.87 -4.80 -46.01
N VAL C 184 -11.83 -3.97 -45.94
CA VAL C 184 -10.95 -3.69 -47.10
C VAL C 184 -9.47 -3.64 -46.70
N VAL C 185 -8.60 -4.05 -47.64
CA VAL C 185 -7.15 -4.08 -47.46
C VAL C 185 -6.42 -3.34 -48.60
N THR C 186 -5.19 -2.89 -48.32
CA THR C 186 -4.33 -2.19 -49.28
C THR C 186 -3.07 -3.02 -49.59
N VAL C 187 -2.90 -3.40 -50.87
CA VAL C 187 -1.83 -4.32 -51.31
C VAL C 187 -1.08 -3.79 -52.53
N PRO C 188 0.11 -4.36 -52.88
CA PRO C 188 0.84 -3.95 -54.10
C PRO C 188 0.05 -4.15 -55.40
N SER C 189 0.31 -3.29 -56.39
CA SER C 189 -0.42 -3.31 -57.68
C SER C 189 -0.22 -4.59 -58.51
N SER C 190 1.03 -4.93 -58.82
CA SER C 190 1.35 -6.02 -59.76
C SER C 190 1.44 -7.43 -59.14
N SER C 191 1.15 -7.54 -57.84
CA SER C 191 1.08 -8.82 -57.11
C SER C 191 -0.30 -9.48 -57.24
N LEU C 192 -1.30 -8.67 -57.56
CA LEU C 192 -2.72 -9.08 -57.68
C LEU C 192 -3.01 -10.21 -58.67
N GLY C 193 -2.12 -10.39 -59.66
CA GLY C 193 -2.23 -11.47 -60.63
C GLY C 193 -2.08 -12.85 -60.00
N THR C 194 -1.10 -12.99 -59.11
CA THR C 194 -0.73 -14.26 -58.48
C THR C 194 -1.25 -14.44 -57.07
N GLN C 195 -1.12 -13.40 -56.24
CA GLN C 195 -1.46 -13.45 -54.82
C GLN C 195 -2.97 -13.58 -54.62
N THR C 196 -3.36 -14.54 -53.77
CA THR C 196 -4.75 -14.81 -53.43
C THR C 196 -5.14 -14.06 -52.14
N TYR C 197 -6.32 -13.43 -52.16
CA TYR C 197 -6.92 -12.65 -51.05
C TYR C 197 -8.33 -13.20 -50.75
N ILE C 198 -8.46 -13.97 -49.67
CA ILE C 198 -9.73 -14.56 -49.25
C ILE C 198 -10.13 -13.97 -47.91
N CYS C 199 -11.31 -13.35 -47.85
CA CYS C 199 -11.85 -12.80 -46.61
C CYS C 199 -12.69 -13.84 -45.89
N ASN C 200 -12.62 -13.83 -44.55
CA ASN C 200 -13.31 -14.79 -43.68
C ASN C 200 -14.42 -14.10 -42.87
N VAL C 201 -15.67 -14.49 -43.14
CA VAL C 201 -16.85 -13.95 -42.50
C VAL C 201 -17.40 -14.95 -41.48
N ASN C 202 -17.21 -14.63 -40.19
CA ASN C 202 -17.71 -15.43 -39.08
C ASN C 202 -18.90 -14.73 -38.40
N HIS C 203 -20.11 -15.20 -38.73
CA HIS C 203 -21.36 -14.69 -38.15
C HIS C 203 -21.95 -15.74 -37.21
N LYS C 204 -21.70 -15.55 -35.90
CA LYS C 204 -22.06 -16.52 -34.87
C LYS C 204 -23.57 -16.73 -34.74
N PRO C 205 -24.39 -15.66 -34.63
CA PRO C 205 -25.80 -15.80 -34.28
C PRO C 205 -26.61 -16.76 -35.18
N SER C 206 -26.22 -16.89 -36.45
CA SER C 206 -26.94 -17.73 -37.42
C SER C 206 -26.23 -19.04 -37.77
N ASN C 207 -25.04 -19.26 -37.19
CA ASN C 207 -24.16 -20.36 -37.57
C ASN C 207 -23.82 -20.26 -39.06
N THR C 208 -23.11 -19.19 -39.43
CA THR C 208 -22.67 -18.93 -40.80
C THR C 208 -21.18 -18.55 -40.81
N LYS C 209 -20.35 -19.52 -41.22
CA LYS C 209 -18.90 -19.38 -41.31
C LYS C 209 -18.52 -19.52 -42.79
N VAL C 210 -18.36 -18.37 -43.47
CA VAL C 210 -18.18 -18.34 -44.93
C VAL C 210 -16.95 -17.54 -45.36
N ASP C 211 -16.25 -18.05 -46.38
CA ASP C 211 -15.07 -17.41 -46.97
C ASP C 211 -15.35 -16.98 -48.41
N LYS C 212 -14.59 -15.99 -48.91
CA LYS C 212 -14.74 -15.48 -50.27
C LYS C 212 -13.40 -15.09 -50.91
N LYS C 213 -13.15 -15.64 -52.11
CA LYS C 213 -11.94 -15.40 -52.89
C LYS C 213 -12.13 -14.19 -53.80
N VAL C 214 -11.19 -13.25 -53.72
CA VAL C 214 -11.25 -11.98 -54.47
C VAL C 214 -10.29 -11.96 -55.66
N GLU C 215 -10.84 -12.20 -56.86
CA GLU C 215 -10.09 -12.07 -58.12
C GLU C 215 -10.19 -10.63 -58.62
N PRO C 216 -9.10 -10.04 -59.19
CA PRO C 216 -9.13 -8.66 -59.69
C PRO C 216 -10.01 -8.44 -60.93
N LYS C 217 -10.03 -7.20 -61.44
CA LYS C 217 -10.72 -6.83 -62.67
C LYS C 217 -9.69 -6.59 -63.79
N ALA C 218 -10.15 -6.66 -65.04
CA ALA C 218 -9.29 -6.55 -66.22
C ALA C 218 -8.95 -5.10 -66.60
N ALA C 219 -9.88 -4.17 -66.35
CA ALA C 219 -9.75 -2.75 -66.72
C ALA C 219 -10.50 -1.86 -65.74
CA GLU D 1 -34.02 14.94 -12.53
C GLU D 1 -33.03 16.00 -12.99
N ILE D 2 -31.74 15.80 -12.65
CA ILE D 2 -30.66 16.72 -12.98
C ILE D 2 -30.09 16.43 -14.37
N VAL D 3 -29.90 17.49 -15.16
CA VAL D 3 -29.34 17.43 -16.51
C VAL D 3 -27.86 17.83 -16.47
N LEU D 4 -27.01 17.03 -17.13
CA LEU D 4 -25.57 17.27 -17.24
C LEU D 4 -25.17 17.65 -18.66
N THR D 5 -24.36 18.70 -18.78
CA THR D 5 -23.86 19.22 -20.05
C THR D 5 -22.35 19.48 -19.96
N GLN D 6 -21.57 18.56 -20.52
CA GLN D 6 -20.13 18.72 -20.69
C GLN D 6 -19.83 19.75 -21.78
N SER D 7 -18.55 20.13 -21.87
CA SER D 7 -18.06 21.03 -22.91
C SER D 7 -16.53 20.97 -22.95
N PRO D 8 -15.90 20.94 -24.14
CA PRO D 8 -16.58 20.94 -25.43
C PRO D 8 -17.10 19.56 -25.86
N GLY D 9 -17.59 19.44 -27.10
CA GLY D 9 -18.00 18.17 -27.67
C GLY D 9 -16.83 17.34 -28.18
N THR D 10 -15.85 18.02 -28.78
CA THR D 10 -14.64 17.38 -29.32
C THR D 10 -13.41 18.20 -28.95
N LEU D 11 -12.25 17.54 -28.88
CA LEU D 11 -10.98 18.20 -28.57
C LEU D 11 -9.80 17.56 -29.31
N SER D 12 -9.35 18.22 -30.39
CA SER D 12 -8.26 17.76 -31.25
C SER D 12 -6.90 18.23 -30.72
N LEU D 13 -6.14 17.30 -30.12
CA LEU D 13 -4.85 17.60 -29.50
C LEU D 13 -3.81 16.51 -29.76
N SER D 14 -2.55 16.82 -29.44
CA SER D 14 -1.42 15.98 -29.78
C SER D 14 -0.87 15.24 -28.56
N PRO D 15 -0.19 14.07 -28.74
CA PRO D 15 0.56 13.45 -27.66
C PRO D 15 1.61 14.40 -27.05
N GLY D 16 1.44 14.78 -25.78
CA GLY D 16 2.28 15.75 -25.11
C GLY D 16 1.47 16.95 -24.64
N GLU D 17 0.54 17.42 -25.49
CA GLU D 17 -0.33 18.56 -25.19
C GLU D 17 -1.25 18.28 -24.01
N ARG D 18 -1.91 19.33 -23.53
CA ARG D 18 -2.81 19.32 -22.35
C ARG D 18 -4.27 19.37 -22.81
N ALA D 19 -5.15 18.61 -22.14
CA ALA D 19 -6.58 18.52 -22.49
C ALA D 19 -7.45 18.67 -21.24
N THR D 20 -8.37 19.65 -21.29
CA THR D 20 -9.27 19.96 -20.17
C THR D 20 -10.75 19.91 -20.59
N LEU D 21 -11.55 19.15 -19.83
CA LEU D 21 -12.98 18.96 -20.08
C LEU D 21 -13.80 19.49 -18.93
N SER D 22 -14.78 20.35 -19.24
CA SER D 22 -15.71 20.88 -18.25
C SER D 22 -16.99 20.03 -18.22
N CYS D 23 -17.68 20.04 -17.07
CA CYS D 23 -18.97 19.41 -16.88
C CYS D 23 -19.87 20.33 -16.06
N ARG D 24 -20.96 20.78 -16.68
CA ARG D 24 -21.97 21.72 -16.12
C ARG D 24 -23.18 20.91 -15.63
N ALA D 25 -23.73 21.26 -14.47
CA ALA D 25 -24.91 20.62 -13.91
C ALA D 25 -26.07 21.61 -13.88
N SER D 26 -27.29 21.07 -13.94
CA SER D 26 -28.51 21.88 -13.87
C SER D 26 -28.88 22.26 -12.43
N GLN D 27 -28.57 21.36 -11.48
CA GLN D 27 -28.72 21.61 -10.05
C GLN D 27 -27.40 21.40 -9.31
N SER D 28 -27.29 22.00 -8.12
CA SER D 28 -26.09 21.92 -7.30
C SER D 28 -25.86 20.50 -6.80
N VAL D 29 -24.57 20.12 -6.72
CA VAL D 29 -24.13 18.89 -6.07
C VAL D 29 -22.84 19.18 -5.30
N GLY D 30 -22.73 18.59 -4.11
CA GLY D 30 -21.56 18.75 -3.27
C GLY D 30 -20.33 18.19 -3.96
N ASN D 31 -19.15 18.50 -3.39
CA ASN D 31 -17.88 18.03 -3.91
C ASN D 31 -17.87 16.51 -4.03
N ILE D 32 -18.04 15.83 -2.89
CA ILE D 32 -18.03 14.37 -2.82
C ILE D 32 -19.35 13.77 -3.32
N TYR D 33 -19.67 14.04 -4.59
CA TYR D 33 -20.90 13.55 -5.28
C TYR D 33 -20.73 13.68 -6.81
N LEU D 34 -19.62 13.15 -7.34
CA LEU D 34 -19.35 13.18 -8.78
C LEU D 34 -18.26 12.19 -9.17
N ALA D 35 -18.38 11.64 -10.39
CA ALA D 35 -17.40 10.73 -10.95
C ALA D 35 -17.18 10.96 -12.45
N TRP D 36 -15.96 10.68 -12.93
CA TRP D 36 -15.57 10.79 -14.33
C TRP D 36 -15.14 9.42 -14.89
N TYR D 37 -15.41 9.20 -16.18
CA TYR D 37 -15.25 7.89 -16.87
C TYR D 37 -14.59 8.08 -18.25
N GLN D 38 -13.87 7.05 -18.70
CA GLN D 38 -13.28 6.95 -20.05
C GLN D 38 -13.86 5.71 -20.74
N GLN D 39 -14.08 5.82 -22.06
CA GLN D 39 -14.51 4.68 -22.87
C GLN D 39 -13.77 4.65 -24.20
N LYS D 40 -12.92 3.62 -24.39
CA LYS D 40 -12.31 3.34 -25.67
C LYS D 40 -13.33 2.62 -26.56
N PRO D 41 -13.31 2.84 -27.89
CA PRO D 41 -14.30 2.23 -28.79
C PRO D 41 -14.33 0.69 -28.72
N GLY D 42 -15.54 0.13 -28.62
CA GLY D 42 -15.75 -1.31 -28.59
C GLY D 42 -15.24 -1.97 -27.31
N GLN D 43 -15.50 -1.32 -26.17
CA GLN D 43 -15.06 -1.79 -24.86
C GLN D 43 -16.00 -1.30 -23.76
N ALA D 44 -15.96 -2.00 -22.61
CA ALA D 44 -16.64 -1.57 -21.40
C ALA D 44 -15.87 -0.37 -20.83
N PRO D 45 -16.56 0.74 -20.48
CA PRO D 45 -15.91 1.91 -19.89
C PRO D 45 -15.02 1.64 -18.65
N ARG D 46 -14.35 2.70 -18.18
CA ARG D 46 -13.28 2.65 -17.14
C ARG D 46 -13.46 3.86 -16.22
N LEU D 47 -13.44 3.63 -14.90
CA LEU D 47 -13.53 4.70 -13.91
C LEU D 47 -12.22 5.48 -13.86
N LEU D 48 -12.31 6.80 -13.70
CA LEU D 48 -11.14 7.67 -13.58
C LEU D 48 -11.13 8.40 -12.25
N ILE D 49 -12.14 9.25 -12.02
CA ILE D 49 -12.29 10.05 -10.81
C ILE D 49 -13.59 9.68 -10.13
N TYR D 50 -13.60 9.73 -8.79
CA TYR D 50 -14.81 9.65 -7.93
C TYR D 50 -14.68 10.69 -6.81
N GLY D 51 -15.83 11.10 -6.24
CA GLY D 51 -15.90 12.15 -5.26
C GLY D 51 -15.34 13.47 -5.77
N ALA D 52 -15.49 13.70 -7.09
CA ALA D 52 -14.98 14.89 -7.79
C ALA D 52 -13.46 15.09 -7.76
N SER D 53 -12.81 14.71 -6.66
CA SER D 53 -11.39 14.98 -6.42
C SER D 53 -10.65 13.82 -5.76
N THR D 54 -11.03 12.58 -6.12
CA THR D 54 -10.32 11.38 -5.70
C THR D 54 -10.09 10.48 -6.91
N ARG D 55 -8.82 10.20 -7.21
CA ARG D 55 -8.39 9.30 -8.31
C ARG D 55 -8.82 7.86 -8.01
N ALA D 56 -9.02 7.05 -9.04
CA ALA D 56 -9.38 5.65 -8.91
C ALA D 56 -8.14 4.80 -8.69
N THR D 57 -8.36 3.50 -8.44
CA THR D 57 -7.32 2.53 -8.15
C THR D 57 -6.30 2.40 -9.30
N GLY D 58 -5.20 3.15 -9.19
CA GLY D 58 -4.07 3.08 -10.11
C GLY D 58 -4.08 4.04 -11.28
N ILE D 59 -4.80 5.15 -11.16
CA ILE D 59 -4.88 6.16 -12.21
C ILE D 59 -3.62 7.04 -12.17
N PRO D 60 -2.96 7.31 -13.32
CA PRO D 60 -1.80 8.21 -13.36
C PRO D 60 -2.10 9.64 -12.89
N ASP D 61 -1.09 10.33 -12.37
CA ASP D 61 -1.24 11.67 -11.80
C ASP D 61 -1.51 12.78 -12.83
N ARG D 62 -1.25 12.50 -14.11
CA ARG D 62 -1.56 13.40 -15.26
C ARG D 62 -3.07 13.63 -15.33
N PHE D 63 -3.86 12.62 -14.93
CA PHE D 63 -5.30 12.75 -14.73
C PHE D 63 -5.56 13.43 -13.38
N SER D 64 -6.32 14.53 -13.43
CA SER D 64 -6.70 15.28 -12.24
C SER D 64 -8.10 15.87 -12.42
N GLY D 65 -8.99 15.55 -11.47
CA GLY D 65 -10.35 16.04 -11.42
C GLY D 65 -10.50 17.12 -10.38
N SER D 66 -11.50 17.99 -10.56
CA SER D 66 -11.76 19.12 -9.67
C SER D 66 -13.13 19.74 -9.95
N GLY D 67 -13.46 20.79 -9.18
CA GLY D 67 -14.66 21.58 -9.40
C GLY D 67 -15.52 21.70 -8.15
N SER D 68 -16.66 22.38 -8.30
CA SER D 68 -17.61 22.59 -7.21
C SER D 68 -18.96 23.13 -7.71
N GLY D 69 -20.01 22.84 -6.93
CA GLY D 69 -21.35 23.33 -7.20
C GLY D 69 -21.98 22.72 -8.44
N THR D 70 -21.82 23.40 -9.57
CA THR D 70 -22.35 22.97 -10.86
C THR D 70 -21.33 22.99 -12.01
N ASP D 71 -20.08 23.40 -11.71
CA ASP D 71 -19.03 23.51 -12.71
C ASP D 71 -17.83 22.69 -12.28
N PHE D 72 -17.51 21.69 -13.11
CA PHE D 72 -16.47 20.71 -12.77
C PHE D 72 -15.50 20.51 -13.93
N THR D 73 -14.30 20.03 -13.59
CA THR D 73 -13.17 19.98 -14.50
C THR D 73 -12.46 18.64 -14.45
N LEU D 74 -11.92 18.21 -15.59
CA LEU D 74 -11.03 17.06 -15.70
C LEU D 74 -9.88 17.43 -16.63
N THR D 75 -8.65 17.40 -16.09
CA THR D 75 -7.45 17.78 -16.83
C THR D 75 -6.46 16.62 -16.98
N ILE D 76 -6.05 16.38 -18.23
CA ILE D 76 -5.00 15.42 -18.58
C ILE D 76 -3.81 16.27 -19.05
N SER D 77 -2.82 16.43 -18.17
CA SER D 77 -1.73 17.41 -18.36
C SER D 77 -0.72 17.05 -19.47
N ARG D 78 -0.49 15.75 -19.67
CA ARG D 78 0.44 15.20 -20.71
C ARG D 78 -0.25 14.04 -21.43
N LEU D 79 -1.07 14.37 -22.44
CA LEU D 79 -1.82 13.40 -23.21
C LEU D 79 -0.90 12.35 -23.83
N GLU D 80 -1.34 11.08 -23.79
CA GLU D 80 -0.64 9.95 -24.39
C GLU D 80 -1.48 9.34 -25.50
N PRO D 81 -0.92 8.42 -26.33
CA PRO D 81 -1.69 7.73 -27.36
C PRO D 81 -2.88 6.93 -26.80
N GLU D 82 -2.81 6.58 -25.51
CA GLU D 82 -3.86 5.82 -24.81
C GLU D 82 -4.98 6.69 -24.22
N ASP D 83 -4.75 8.01 -24.15
CA ASP D 83 -5.73 8.96 -23.60
C ASP D 83 -6.85 9.31 -24.59
N PHE D 84 -6.76 8.80 -25.82
CA PHE D 84 -7.86 8.88 -26.79
C PHE D 84 -9.04 8.02 -26.32
N ALA D 85 -10.21 8.66 -26.21
CA ALA D 85 -11.46 7.99 -25.87
C ALA D 85 -12.60 9.01 -25.78
N VAL D 86 -13.81 8.50 -25.50
CA VAL D 86 -14.95 9.33 -25.11
C VAL D 86 -14.92 9.39 -23.59
N TYR D 87 -15.17 10.59 -23.05
CA TYR D 87 -15.08 10.92 -21.60
C TYR D 87 -16.44 11.41 -21.09
N TYR D 88 -16.97 10.74 -20.05
CA TYR D 88 -18.31 10.97 -19.48
C TYR D 88 -18.20 11.44 -18.01
N CYS D 89 -18.82 12.57 -17.66
CA CYS D 89 -19.04 12.96 -16.28
C CYS D 89 -20.36 12.33 -15.82
N GLN D 90 -20.51 12.13 -14.51
CA GLN D 90 -21.66 11.43 -13.94
C GLN D 90 -21.90 11.83 -12.49
N GLN D 91 -23.11 12.32 -12.21
CA GLN D 91 -23.49 12.83 -10.88
C GLN D 91 -24.25 11.78 -10.08
N TYR D 92 -24.00 11.77 -8.77
CA TYR D 92 -24.47 10.74 -7.81
C TYR D 92 -25.21 11.40 -6.64
N GLY D 93 -25.33 12.73 -6.65
CA GLY D 93 -25.89 13.51 -5.56
C GLY D 93 -27.30 13.14 -5.17
N ASP D 94 -28.27 13.57 -5.98
CA ASP D 94 -29.69 13.29 -5.78
C ASP D 94 -30.10 12.05 -6.56
N SER D 95 -31.33 11.60 -6.32
CA SER D 95 -32.00 10.63 -7.16
C SER D 95 -32.99 11.42 -8.02
N LEU D 96 -32.95 11.26 -9.35
CA LEU D 96 -32.24 10.20 -10.05
C LEU D 96 -30.75 10.49 -10.21
N TRP D 97 -29.99 9.43 -10.52
CA TRP D 97 -28.60 9.55 -10.96
C TRP D 97 -28.59 9.74 -12.47
N THR D 98 -27.72 10.63 -12.94
CA THR D 98 -27.63 10.96 -14.37
C THR D 98 -26.19 11.07 -14.88
N PHE D 99 -26.04 10.83 -16.19
CA PHE D 99 -24.77 10.89 -16.91
C PHE D 99 -24.75 12.08 -17.86
N GLY D 100 -23.54 12.59 -18.13
CA GLY D 100 -23.31 13.62 -19.12
C GLY D 100 -23.35 13.04 -20.52
N GLN D 101 -23.37 13.92 -21.53
CA GLN D 101 -23.54 13.52 -22.92
C GLN D 101 -22.34 12.77 -23.50
N GLY D 102 -21.13 13.12 -23.06
CA GLY D 102 -19.90 12.48 -23.50
C GLY D 102 -19.11 13.33 -24.48
N THR D 103 -17.83 13.55 -24.17
CA THR D 103 -16.94 14.40 -24.95
C THR D 103 -15.81 13.55 -25.54
N LYS D 104 -15.61 13.66 -26.86
CA LYS D 104 -14.56 12.91 -27.54
C LYS D 104 -13.22 13.65 -27.50
N VAL D 105 -12.23 13.05 -26.83
CA VAL D 105 -10.86 13.55 -26.85
C VAL D 105 -10.16 12.95 -28.06
N GLU D 106 -10.18 13.71 -29.17
CA GLU D 106 -9.62 13.30 -30.46
C GLU D 106 -8.14 13.66 -30.56
N ILE D 107 -7.37 12.79 -31.22
CA ILE D 107 -5.96 13.05 -31.50
C ILE D 107 -5.88 13.82 -32.82
N LYS D 108 -5.42 15.08 -32.75
CA LYS D 108 -5.35 15.99 -33.88
C LYS D 108 -4.75 15.34 -35.13
N GLY D 109 -1.45 15.23 -33.40
CA GLY D 109 -0.31 15.80 -34.10
C GLY D 109 -0.26 15.40 -35.56
N GLN D 110 -1.35 15.65 -36.29
CA GLN D 110 -1.49 15.34 -37.71
C GLN D 110 -2.07 16.53 -38.46
N PRO D 111 -1.53 16.90 -39.64
CA PRO D 111 -2.04 18.05 -40.40
C PRO D 111 -3.36 17.71 -41.10
N LYS D 112 -3.91 18.66 -41.86
CA LYS D 112 -5.08 18.41 -42.70
C LYS D 112 -4.67 17.39 -43.76
N ALA D 113 -5.39 16.27 -43.82
CA ALA D 113 -5.05 15.15 -44.70
C ALA D 113 -6.22 14.80 -45.59
N ASN D 114 -5.99 14.93 -46.91
CA ASN D 114 -6.97 14.55 -47.92
C ASN D 114 -7.10 13.04 -47.99
N PRO D 115 -8.31 12.50 -48.29
CA PRO D 115 -8.52 11.06 -48.30
C PRO D 115 -8.07 10.36 -49.59
N THR D 116 -7.70 9.07 -49.49
CA THR D 116 -7.62 8.20 -50.65
C THR D 116 -9.05 7.79 -50.96
N VAL D 117 -9.44 7.98 -52.24
CA VAL D 117 -10.78 7.67 -52.72
C VAL D 117 -10.68 6.54 -53.74
N THR D 118 -11.41 5.45 -53.50
CA THR D 118 -11.43 4.29 -54.39
C THR D 118 -12.86 3.80 -54.57
N LEU D 119 -13.15 3.20 -55.73
CA LEU D 119 -14.51 2.82 -56.11
C LEU D 119 -14.59 1.39 -56.62
N PHE D 120 -15.67 0.70 -56.25
CA PHE D 120 -15.88 -0.70 -56.65
C PHE D 120 -17.31 -0.91 -57.14
N PRO D 121 -17.53 -1.39 -58.39
CA PRO D 121 -18.87 -1.71 -58.88
C PRO D 121 -19.40 -3.00 -58.28
N PRO D 122 -20.68 -3.37 -58.55
CA PRO D 122 -21.27 -4.59 -58.01
C PRO D 122 -20.51 -5.85 -58.45
N SER D 123 -20.50 -6.88 -57.61
CA SER D 123 -19.99 -8.20 -57.97
C SER D 123 -21.02 -8.90 -58.87
N SER D 124 -20.53 -9.51 -59.96
CA SER D 124 -21.36 -10.26 -60.89
C SER D 124 -22.24 -11.29 -60.17
N GLU D 125 -21.69 -11.82 -59.07
CA GLU D 125 -22.40 -12.72 -58.17
C GLU D 125 -23.66 -12.08 -57.60
N GLU D 126 -23.53 -10.85 -57.10
CA GLU D 126 -24.67 -10.10 -56.54
C GLU D 126 -25.72 -9.80 -57.60
N LEU D 127 -25.26 -9.46 -58.81
CA LEU D 127 -26.14 -9.14 -59.93
C LEU D 127 -27.03 -10.32 -60.31
N GLN D 128 -26.42 -11.51 -60.37
CA GLN D 128 -27.13 -12.78 -60.55
C GLN D 128 -28.23 -12.94 -59.49
N ALA D 129 -27.89 -12.58 -58.25
CA ALA D 129 -28.82 -12.66 -57.11
C ALA D 129 -29.88 -11.54 -57.08
N ASN D 130 -29.99 -10.79 -58.19
CA ASN D 130 -31.07 -9.83 -58.40
C ASN D 130 -30.93 -8.55 -57.55
N LYS D 131 -29.68 -8.22 -57.16
CA LYS D 131 -29.38 -6.96 -56.46
C LYS D 131 -28.05 -6.39 -56.91
N ALA D 132 -27.92 -5.06 -56.80
CA ALA D 132 -26.78 -4.32 -57.32
C ALA D 132 -26.34 -3.21 -56.36
N THR D 133 -25.25 -3.47 -55.63
CA THR D 133 -24.72 -2.53 -54.63
C THR D 133 -23.35 -2.00 -55.04
N LEU D 134 -23.19 -0.67 -54.95
CA LEU D 134 -21.95 0.02 -55.27
C LEU D 134 -21.25 0.49 -53.99
N VAL D 135 -19.92 0.39 -53.98
CA VAL D 135 -19.11 0.72 -52.81
C VAL D 135 -18.09 1.80 -53.14
N CYS D 136 -18.20 2.95 -52.46
CA CYS D 136 -17.26 4.05 -52.59
C CYS D 136 -16.51 4.29 -51.29
N LEU D 137 -15.19 4.05 -51.33
CA LEU D 137 -14.31 4.10 -50.17
C LEU D 137 -13.54 5.40 -50.07
N ILE D 138 -13.45 5.91 -48.83
CA ILE D 138 -12.71 7.11 -48.48
C ILE D 138 -11.95 6.79 -47.20
N ASP D 139 -10.61 6.79 -47.27
CA ASP D 139 -9.80 6.47 -46.08
C ASP D 139 -8.54 7.34 -45.93
N ASN D 140 -7.87 7.17 -44.77
CA ASN D 140 -6.67 7.93 -44.41
C ASN D 140 -6.80 9.44 -44.61
N PHE D 141 -7.76 10.05 -43.91
CA PHE D 141 -7.94 11.49 -43.90
C PHE D 141 -8.14 12.03 -42.49
N TYR D 142 -8.01 13.36 -42.37
CA TYR D 142 -8.27 14.14 -41.13
C TYR D 142 -8.60 15.58 -41.50
N PRO D 143 -9.63 16.23 -40.89
CA PRO D 143 -10.43 15.64 -39.81
C PRO D 143 -11.64 14.82 -40.27
N GLY D 144 -12.36 14.23 -39.30
CA GLY D 144 -13.44 13.29 -39.56
C GLY D 144 -14.73 13.85 -40.14
N ALA D 145 -14.79 15.17 -40.34
CA ALA D 145 -15.92 15.84 -40.97
C ALA D 145 -15.80 15.76 -42.49
N VAL D 146 -16.76 15.09 -43.14
CA VAL D 146 -16.73 14.82 -44.58
C VAL D 146 -18.13 14.66 -45.20
N THR D 147 -18.19 14.65 -46.53
CA THR D 147 -19.43 14.46 -47.30
C THR D 147 -19.17 13.71 -48.60
N VAL D 148 -20.19 12.98 -49.09
CA VAL D 148 -20.14 12.14 -50.28
C VAL D 148 -21.44 12.25 -51.08
N ALA D 149 -21.33 12.21 -52.42
CA ALA D 149 -22.48 12.33 -53.32
C ALA D 149 -22.39 11.36 -54.50
N TRP D 150 -23.48 10.63 -54.75
CA TRP D 150 -23.55 9.61 -55.80
C TRP D 150 -24.14 10.15 -57.08
N LYS D 151 -23.70 9.58 -58.22
CA LYS D 151 -24.19 9.96 -59.56
C LYS D 151 -24.56 8.75 -60.43
N ALA D 152 -25.85 8.65 -60.78
CA ALA D 152 -26.32 7.81 -61.88
C ALA D 152 -26.17 8.63 -63.16
N ASP D 153 -25.20 8.23 -64.00
CA ASP D 153 -24.72 9.03 -65.11
C ASP D 153 -24.22 10.37 -64.53
N GLY D 154 -24.72 11.50 -65.05
CA GLY D 154 -24.38 12.81 -64.53
C GLY D 154 -25.44 13.39 -63.62
N SER D 155 -26.27 12.52 -63.01
CA SER D 155 -27.42 12.93 -62.20
C SER D 155 -27.40 12.26 -60.83
N PRO D 156 -27.54 13.01 -59.71
CA PRO D 156 -27.32 12.46 -58.38
C PRO D 156 -28.39 11.46 -57.92
N VAL D 157 -27.95 10.30 -57.39
CA VAL D 157 -28.84 9.34 -56.73
C VAL D 157 -29.05 9.81 -55.29
N LYS D 158 -30.29 9.64 -54.81
CA LYS D 158 -30.76 10.22 -53.55
C LYS D 158 -30.93 9.20 -52.44
N ALA D 159 -31.65 8.11 -52.74
CA ALA D 159 -31.93 7.05 -51.79
C ALA D 159 -31.14 5.77 -52.08
N GLY D 160 -31.17 4.84 -51.13
CA GLY D 160 -30.37 3.63 -51.17
C GLY D 160 -28.91 3.89 -50.83
N VAL D 161 -28.63 5.09 -50.30
CA VAL D 161 -27.29 5.54 -49.94
C VAL D 161 -27.13 5.53 -48.42
N GLU D 162 -26.32 4.59 -47.92
CA GLU D 162 -25.98 4.53 -46.50
C GLU D 162 -24.48 4.47 -46.35
N THR D 163 -23.95 5.24 -45.40
CA THR D 163 -22.52 5.46 -45.26
C THR D 163 -22.07 5.20 -43.82
N THR D 164 -20.89 4.59 -43.66
CA THR D 164 -20.30 4.34 -42.35
C THR D 164 -19.66 5.61 -41.82
N LYS D 165 -19.92 5.89 -40.54
CA LYS D 165 -19.47 7.09 -39.85
C LYS D 165 -17.95 7.09 -39.64
N PRO D 166 -17.36 8.19 -39.11
CA PRO D 166 -15.91 8.26 -38.89
C PRO D 166 -15.38 7.08 -38.07
N SER D 167 -14.93 6.01 -38.75
CA SER D 167 -14.27 4.89 -38.11
C SER D 167 -12.79 5.22 -38.01
N LYS D 168 -12.33 5.62 -36.81
CA LYS D 168 -10.94 6.04 -36.59
C LYS D 168 -9.98 4.85 -36.68
N GLN D 169 -8.79 5.11 -37.23
CA GLN D 169 -7.74 4.12 -37.46
C GLN D 169 -6.69 4.17 -36.35
N SER D 170 -5.76 3.21 -36.38
CA SER D 170 -4.67 3.11 -35.41
C SER D 170 -3.59 4.20 -35.61
N ASN D 171 -3.40 4.63 -36.86
CA ASN D 171 -2.58 5.80 -37.20
C ASN D 171 -3.33 7.12 -36.98
N ASN D 172 -4.57 7.01 -36.49
CA ASN D 172 -5.41 8.12 -36.00
C ASN D 172 -5.94 9.10 -37.08
N LYS D 173 -5.74 8.74 -38.35
CA LYS D 173 -6.55 9.24 -39.45
C LYS D 173 -7.85 8.43 -39.41
N TYR D 174 -8.83 8.82 -40.23
CA TYR D 174 -10.21 8.25 -40.19
C TYR D 174 -10.47 7.41 -41.44
N ALA D 175 -11.63 6.73 -41.47
CA ALA D 175 -12.09 6.00 -42.64
C ALA D 175 -13.63 5.95 -42.68
N ALA D 176 -14.19 6.19 -43.89
CA ALA D 176 -15.62 6.12 -44.14
C ALA D 176 -15.90 5.58 -45.55
N SER D 177 -17.03 4.87 -45.68
CA SER D 177 -17.40 4.19 -46.92
C SER D 177 -18.90 4.24 -47.14
N SER D 178 -19.30 4.48 -48.40
CA SER D 178 -20.70 4.59 -48.77
C SER D 178 -21.15 3.43 -49.65
N TYR D 179 -22.37 2.96 -49.35
CA TYR D 179 -23.09 1.85 -50.03
C TYR D 179 -24.28 2.41 -50.79
N LEU D 180 -24.50 1.93 -52.02
CA LEU D 180 -25.63 2.33 -52.84
C LEU D 180 -26.34 1.09 -53.37
N SER D 181 -27.47 0.75 -52.74
CA SER D 181 -28.28 -0.42 -53.12
C SER D 181 -29.31 -0.05 -54.18
N LEU D 182 -29.24 -0.72 -55.34
CA LEU D 182 -30.14 -0.50 -56.48
C LEU D 182 -30.67 -1.83 -56.99
N THR D 183 -31.53 -1.77 -58.01
CA THR D 183 -31.99 -2.96 -58.73
C THR D 183 -31.04 -3.25 -59.89
N PRO D 184 -30.95 -4.51 -60.36
CA PRO D 184 -30.18 -4.83 -61.58
C PRO D 184 -30.68 -4.05 -62.80
N GLU D 185 -31.98 -3.78 -62.88
CA GLU D 185 -32.59 -3.01 -63.95
C GLU D 185 -31.94 -1.64 -64.05
N GLN D 186 -31.97 -0.89 -62.94
CA GLN D 186 -31.41 0.46 -62.90
C GLN D 186 -29.89 0.47 -63.11
N TRP D 187 -29.18 -0.52 -62.55
CA TRP D 187 -27.73 -0.65 -62.72
C TRP D 187 -27.31 -0.81 -64.18
N LYS D 188 -28.10 -1.58 -64.95
CA LYS D 188 -27.81 -1.88 -66.34
C LYS D 188 -28.25 -0.79 -67.34
N SER D 189 -29.31 -0.06 -66.99
CA SER D 189 -29.91 0.97 -67.86
C SER D 189 -29.24 2.36 -67.80
N HIS D 190 -28.11 2.46 -67.08
CA HIS D 190 -27.30 3.68 -67.02
C HIS D 190 -25.87 3.40 -67.45
N ARG D 191 -25.31 4.30 -68.27
CA ARG D 191 -24.06 4.10 -69.05
C ARG D 191 -22.84 4.11 -68.10
N SER D 192 -22.85 4.97 -67.08
CA SER D 192 -21.78 4.98 -66.08
C SER D 192 -22.24 5.56 -64.75
N TYR D 193 -21.58 5.15 -63.67
CA TYR D 193 -21.89 5.54 -62.27
C TYR D 193 -20.68 6.21 -61.64
N SER D 194 -20.90 7.32 -60.92
CA SER D 194 -19.82 8.12 -60.36
C SER D 194 -19.98 8.38 -58.86
N CYS D 195 -18.88 8.77 -58.22
CA CYS D 195 -18.82 9.04 -56.79
C CYS D 195 -18.02 10.32 -56.54
N GLN D 196 -18.71 11.37 -56.07
CA GLN D 196 -18.11 12.68 -55.77
C GLN D 196 -17.82 12.84 -54.28
N VAL D 197 -16.66 13.43 -53.98
CA VAL D 197 -16.20 13.66 -52.60
C VAL D 197 -15.71 15.09 -52.43
N THR D 198 -16.08 15.72 -51.31
CA THR D 198 -15.58 17.04 -50.93
C THR D 198 -15.02 17.00 -49.50
N HIS D 199 -13.70 17.07 -49.38
CA HIS D 199 -13.02 17.11 -48.07
C HIS D 199 -12.16 18.37 -47.94
N GLU D 200 -12.57 19.26 -47.03
CA GLU D 200 -11.87 20.50 -46.73
C GLU D 200 -11.42 21.21 -48.01
N GLY D 201 -12.39 21.50 -48.88
CA GLY D 201 -12.19 22.23 -50.12
C GLY D 201 -12.36 21.39 -51.38
N SER D 202 -11.31 20.63 -51.71
CA SER D 202 -11.20 19.85 -52.95
C SER D 202 -12.41 18.93 -53.22
N THR D 203 -13.00 19.09 -54.41
CA THR D 203 -14.08 18.23 -54.92
C THR D 203 -13.54 17.24 -55.95
N VAL D 204 -13.24 16.02 -55.48
CA VAL D 204 -12.70 14.93 -56.29
C VAL D 204 -13.87 14.05 -56.75
N GLU D 205 -13.65 13.35 -57.86
CA GLU D 205 -14.65 12.46 -58.45
C GLU D 205 -13.99 11.20 -59.02
N LYS D 206 -14.68 10.06 -58.89
CA LYS D 206 -14.26 8.80 -59.50
C LYS D 206 -15.44 8.19 -60.25
N THR D 207 -15.16 7.25 -61.17
CA THR D 207 -16.15 6.70 -62.09
CA THR D 207 -16.15 6.70 -62.09
C THR D 207 -15.94 5.21 -62.38
N VAL D 208 -17.05 4.50 -62.61
CA VAL D 208 -17.11 3.12 -63.10
C VAL D 208 -18.17 3.09 -64.19
N ALA D 209 -18.21 1.99 -64.94
CA ALA D 209 -19.18 1.81 -66.02
C ALA D 209 -19.34 0.31 -66.35
N PRO D 210 -20.59 -0.17 -66.58
CA PRO D 210 -20.80 -1.50 -67.16
C PRO D 210 -20.08 -1.60 -68.51
N THR D 211 -19.13 -2.54 -68.61
CA THR D 211 -18.22 -2.66 -69.74
C THR D 211 -18.91 -3.16 -71.01
N GLN E 1 13.63 10.48 10.70
CA GLN E 1 15.11 10.33 10.86
C GLN E 1 15.53 10.34 12.32
N LEU E 2 16.73 9.82 12.58
CA LEU E 2 17.42 9.92 13.86
C LEU E 2 18.85 10.44 13.66
N VAL E 3 19.32 11.24 14.63
CA VAL E 3 20.67 11.81 14.62
C VAL E 3 21.24 11.76 16.03
N GLU E 4 22.41 11.14 16.18
CA GLU E 4 23.10 11.01 17.47
C GLU E 4 24.21 12.02 17.63
N SER E 5 24.64 12.23 18.88
CA SER E 5 25.81 13.05 19.21
C SER E 5 27.10 12.38 18.73
N GLY E 6 28.17 13.19 18.60
CA GLY E 6 29.43 12.77 18.02
C GLY E 6 30.20 11.78 18.88
N ALA E 7 31.54 11.85 18.80
CA ALA E 7 32.43 10.95 19.52
C ALA E 7 32.79 11.52 20.90
N GLU E 8 32.84 10.65 21.91
CA GLU E 8 33.16 11.04 23.29
C GLU E 8 34.26 10.15 23.88
N VAL E 9 35.34 10.78 24.35
CA VAL E 9 36.53 10.09 24.86
C VAL E 9 36.67 10.32 26.36
N LYS E 10 35.78 9.70 27.13
CA LYS E 10 35.78 9.80 28.59
C LYS E 10 36.82 8.85 29.22
N LYS E 11 36.83 8.78 30.55
CA LYS E 11 37.83 8.01 31.31
C LYS E 11 37.19 7.16 32.40
N PRO E 12 37.92 6.13 32.92
CA PRO E 12 37.35 5.19 33.90
C PRO E 12 37.01 5.89 35.22
N GLY E 13 35.87 5.51 35.83
CA GLY E 13 35.38 6.14 37.04
C GLY E 13 34.36 7.23 36.80
N SER E 14 34.45 7.91 35.65
CA SER E 14 33.57 9.03 35.32
C SER E 14 32.25 8.54 34.71
N SER E 15 31.57 9.43 33.97
CA SER E 15 30.27 9.15 33.36
C SER E 15 30.29 9.47 31.87
N VAL E 16 29.12 9.46 31.25
CA VAL E 16 28.94 9.90 29.86
C VAL E 16 27.46 10.10 29.55
N LYS E 17 27.15 11.20 28.82
CA LYS E 17 25.81 11.52 28.36
C LYS E 17 25.78 11.59 26.83
N VAL E 18 24.80 10.89 26.24
CA VAL E 18 24.64 10.79 24.80
C VAL E 18 23.21 11.21 24.44
N SER E 19 23.05 11.85 23.27
CA SER E 19 21.75 12.37 22.82
C SER E 19 21.35 11.83 21.44
N CYS E 20 20.04 11.84 21.17
CA CYS E 20 19.48 11.38 19.90
C CYS E 20 18.19 12.13 19.52
N LYS E 21 18.29 12.98 18.48
CA LYS E 21 17.20 13.84 18.02
C LYS E 21 16.49 13.25 16.80
N ALA E 22 15.16 13.34 16.77
CA ALA E 22 14.32 12.81 15.69
C ALA E 22 13.84 13.91 14.74
N SER E 23 13.45 13.51 13.52
CA SER E 23 13.01 14.46 12.49
C SER E 23 12.03 13.90 11.46
N GLY E 24 10.93 14.63 11.26
CA GLY E 24 10.01 14.46 10.15
C GLY E 24 8.91 13.41 10.28
N ASP E 25 8.22 13.38 11.43
CA ASP E 25 7.12 12.46 11.72
C ASP E 25 6.52 12.72 13.11
N THR E 26 5.79 11.73 13.63
CA THR E 26 5.32 11.68 15.01
C THR E 26 6.47 11.18 15.91
N PHE E 27 6.53 11.73 17.13
CA PHE E 27 7.46 11.30 18.17
C PHE E 27 6.74 10.63 19.37
N TYR E 28 5.40 10.69 19.37
CA TYR E 28 4.54 10.52 20.57
C TYR E 28 4.55 9.06 21.07
N THR E 29 3.51 8.28 20.74
CA THR E 29 3.09 7.12 21.56
C THR E 29 3.93 5.84 21.43
N PHE E 30 4.92 5.86 20.54
CA PHE E 30 5.82 4.72 20.33
C PHE E 30 7.30 5.02 20.72
N ASP E 31 8.06 3.92 20.83
CA ASP E 31 9.22 3.80 21.71
C ASP E 31 10.53 4.39 21.22
N ILE E 32 11.55 4.33 22.08
CA ILE E 32 12.95 4.68 21.81
C ILE E 32 13.83 3.73 22.64
N SER E 33 14.91 3.23 22.01
CA SER E 33 15.80 2.23 22.60
C SER E 33 17.27 2.63 22.49
N TRP E 34 18.12 1.97 23.30
CA TRP E 34 19.56 2.17 23.28
C TRP E 34 20.31 0.83 23.20
N VAL E 35 21.04 0.62 22.10
CA VAL E 35 21.76 -0.63 21.82
C VAL E 35 23.25 -0.38 21.60
N ARG E 36 24.10 -0.95 22.47
CA ARG E 36 25.58 -0.79 22.40
C ARG E 36 26.19 -2.02 21.70
N GLN E 37 27.41 -1.85 21.16
CA GLN E 37 28.13 -2.88 20.43
C GLN E 37 29.63 -2.63 20.57
N ALA E 38 30.30 -3.46 21.39
CA ALA E 38 31.74 -3.39 21.56
C ALA E 38 32.43 -3.88 20.28
N PRO E 39 33.64 -3.35 19.94
CA PRO E 39 34.33 -3.75 18.71
C PRO E 39 34.46 -5.28 18.57
N GLY E 40 33.66 -5.86 17.66
CA GLY E 40 33.72 -7.28 17.33
C GLY E 40 32.81 -8.18 18.13
N GLN E 41 31.78 -7.60 18.77
CA GLN E 41 30.82 -8.35 19.57
C GLN E 41 29.40 -8.21 18.99
N GLY E 42 28.43 -8.80 19.70
CA GLY E 42 27.02 -8.69 19.37
C GLY E 42 26.38 -7.44 19.95
N LEU E 43 25.06 -7.32 19.75
CA LEU E 43 24.29 -6.14 20.14
C LEU E 43 23.68 -6.30 21.53
N GLU E 44 24.07 -5.41 22.46
CA GLU E 44 23.53 -5.38 23.81
C GLU E 44 22.46 -4.30 23.95
N TRP E 45 21.23 -4.73 24.23
CA TRP E 45 20.12 -3.83 24.57
C TRP E 45 20.28 -3.36 26.02
N MET E 46 20.39 -2.04 26.20
CA MET E 46 20.63 -1.45 27.52
C MET E 46 19.32 -1.02 28.18
N GLY E 47 18.43 -0.40 27.40
CA GLY E 47 17.15 0.08 27.89
C GLY E 47 16.22 0.61 26.82
N GLY E 48 14.94 0.76 27.19
CA GLY E 48 13.87 1.13 26.27
C GLY E 48 12.68 1.83 26.92
N ILE E 49 12.27 2.95 26.32
CA ILE E 49 11.28 3.86 26.89
C ILE E 49 10.19 4.13 25.87
N SER E 50 8.92 4.18 26.33
CA SER E 50 7.82 4.75 25.54
C SER E 50 7.72 6.24 25.89
N PRO E 51 8.14 7.17 24.99
CA PRO E 51 8.23 8.60 25.30
C PRO E 51 7.03 9.25 25.99
N VAL E 52 5.80 9.05 25.46
CA VAL E 52 4.59 9.64 26.04
C VAL E 52 4.33 9.07 27.45
N PHE E 53 4.63 7.77 27.63
CA PHE E 53 4.55 7.09 28.92
C PHE E 53 5.95 7.09 29.56
N ASP E 54 6.47 8.29 29.84
CA ASP E 54 7.80 8.51 30.41
C ASP E 54 8.12 7.48 31.50
N ALA E 55 8.55 6.30 31.06
CA ALA E 55 8.84 5.17 31.93
C ALA E 55 9.98 4.36 31.32
N PRO E 56 11.25 4.57 31.77
CA PRO E 56 12.40 3.91 31.17
C PRO E 56 12.65 2.51 31.71
N ASN E 57 12.66 1.50 30.82
CA ASN E 57 13.14 0.16 31.11
C ASN E 57 14.66 0.13 31.05
N TYR E 58 15.27 -0.54 32.02
CA TYR E 58 16.73 -0.84 32.09
C TYR E 58 16.93 -2.35 32.19
N ALA E 59 17.91 -2.88 31.45
CA ALA E 59 18.36 -4.24 31.63
C ALA E 59 19.01 -4.32 33.01
N GLN E 60 18.77 -5.43 33.72
CA GLN E 60 19.31 -5.65 35.06
C GLN E 60 20.84 -5.77 35.02
N LYS E 61 21.36 -6.16 33.85
CA LYS E 61 22.80 -6.18 33.59
C LYS E 61 23.41 -4.77 33.50
N PHE E 62 22.55 -3.75 33.56
CA PHE E 62 22.93 -2.34 33.47
C PHE E 62 22.39 -1.42 34.59
N GLN E 63 21.39 -1.88 35.35
CA GLN E 63 20.78 -1.04 36.39
C GLN E 63 21.79 -0.67 37.48
N ASP E 64 21.49 0.43 38.19
CA ASP E 64 22.39 1.10 39.14
C ASP E 64 23.66 1.64 38.46
N ARG E 65 23.58 1.87 37.14
CA ARG E 65 24.66 2.47 36.32
C ARG E 65 24.12 3.20 35.08
N VAL E 66 22.81 3.13 34.80
CA VAL E 66 22.21 3.70 33.59
C VAL E 66 20.97 4.56 33.88
N THR E 67 20.86 5.69 33.16
CA THR E 67 19.73 6.61 33.27
C THR E 67 19.26 7.03 31.87
N ILE E 68 17.94 6.97 31.64
CA ILE E 68 17.33 7.37 30.36
C ILE E 68 16.22 8.39 30.59
N THR E 69 16.23 9.46 29.78
CA THR E 69 15.18 10.49 29.77
C THR E 69 14.94 11.03 28.35
N ALA E 70 13.67 11.21 28.00
CA ALA E 70 13.25 11.62 26.64
C ALA E 70 12.32 12.86 26.69
N ASP E 71 12.63 13.85 25.85
CA ASP E 71 11.92 15.13 25.83
C ASP E 71 11.07 15.27 24.55
N LYS E 72 9.75 15.31 24.71
CA LYS E 72 8.80 15.37 23.58
C LYS E 72 8.77 16.73 22.86
N SER E 73 9.19 17.79 23.57
CA SER E 73 9.24 19.13 23.01
C SER E 73 10.38 19.27 22.01
N THR E 74 11.57 18.77 22.41
CA THR E 74 12.77 18.77 21.57
C THR E 74 12.93 17.48 20.74
N SER E 75 12.00 16.53 20.93
CA SER E 75 12.01 15.23 20.22
C SER E 75 13.39 14.58 20.28
N THR E 76 13.98 14.57 21.48
CA THR E 76 15.33 14.08 21.71
C THR E 76 15.36 13.18 22.95
N ALA E 77 16.09 12.07 22.83
CA ALA E 77 16.33 11.14 23.93
C ALA E 77 17.77 11.27 24.42
N TYR E 78 17.98 11.00 25.71
CA TYR E 78 19.30 11.09 26.40
C TYR E 78 19.57 9.78 27.16
N MET E 79 20.82 9.33 27.15
CA MET E 79 21.29 8.19 27.93
C MET E 79 22.57 8.55 28.67
N GLU E 80 22.57 8.29 29.98
CA GLU E 80 23.72 8.52 30.85
C GLU E 80 24.20 7.19 31.43
N LEU E 81 25.53 6.96 31.34
CA LEU E 81 26.19 5.81 31.99
C LEU E 81 27.15 6.33 33.06
N SER E 82 27.34 5.53 34.12
CA SER E 82 28.15 5.94 35.28
C SER E 82 29.29 4.98 35.58
N SER E 83 30.17 5.41 36.50
CA SER E 83 31.34 4.66 36.98
C SER E 83 31.90 3.76 35.89
N LEU E 84 32.32 4.38 34.78
CA LEU E 84 32.72 3.68 33.57
C LEU E 84 34.03 2.91 33.71
N ARG E 85 34.19 1.88 32.88
CA ARG E 85 35.44 1.10 32.70
C ARG E 85 35.74 1.01 31.21
N SER E 86 36.97 0.63 30.84
CA SER E 86 37.38 0.47 29.45
C SER E 86 36.56 -0.62 28.72
N GLU E 87 35.96 -1.53 29.50
CA GLU E 87 35.07 -2.57 28.98
C GLU E 87 33.74 -2.01 28.45
N ASP E 88 33.48 -0.72 28.76
CA ASP E 88 32.33 0.03 28.25
C ASP E 88 32.66 0.82 26.98
N THR E 89 33.88 0.64 26.46
CA THR E 89 34.29 1.23 25.19
C THR E 89 33.56 0.50 24.07
N ALA E 90 32.69 1.23 23.37
CA ALA E 90 31.82 0.66 22.34
C ALA E 90 31.18 1.70 21.43
N ILE E 91 30.52 1.19 20.39
CA ILE E 91 29.70 1.98 19.48
C ILE E 91 28.27 1.85 19.99
N TYR E 92 27.64 2.99 20.27
CA TYR E 92 26.27 3.09 20.84
C TYR E 92 25.31 3.64 19.77
N TYR E 93 24.13 3.02 19.64
CA TYR E 93 23.06 3.38 18.68
C TYR E 93 21.75 3.67 19.41
N CYS E 94 21.14 4.84 19.14
CA CYS E 94 19.78 5.15 19.51
C CYS E 94 18.89 4.54 18.43
N VAL E 95 17.72 4.03 18.83
CA VAL E 95 16.86 3.28 17.94
C VAL E 95 15.37 3.56 18.15
N LYS E 96 14.60 3.59 17.05
CA LYS E 96 13.15 3.71 17.07
C LYS E 96 12.50 2.36 16.83
N PRO E 97 11.84 1.75 17.84
CA PRO E 97 10.89 0.67 17.60
C PRO E 97 9.51 1.21 17.20
N THR E 98 9.31 1.45 15.90
CA THR E 98 7.97 1.71 15.37
C THR E 98 7.29 0.35 15.20
N TYR E 99 5.97 0.32 15.36
CA TYR E 99 5.13 -0.91 15.34
C TYR E 99 5.67 -1.93 16.36
N SER E 100 6.13 -1.44 17.52
CA SER E 100 6.80 -2.26 18.53
C SER E 100 5.92 -3.44 18.97
N ASN E 101 4.68 -3.14 19.38
CA ASN E 101 3.71 -4.17 19.74
C ASN E 101 2.66 -4.43 18.64
N TYR E 102 2.25 -3.35 17.96
CA TYR E 102 1.44 -3.38 16.70
C TYR E 102 0.15 -4.16 16.99
N VAL E 103 -0.51 -4.74 15.97
CA VAL E 103 -1.66 -5.62 16.17
C VAL E 103 -1.20 -7.04 16.56
N TRP E 104 -0.19 -7.56 15.83
CA TRP E 104 0.54 -8.75 16.19
C TRP E 104 2.04 -8.55 15.91
N GLY E 105 2.63 -7.49 16.50
CA GLY E 105 4.00 -7.09 16.21
C GLY E 105 4.99 -7.28 17.34
N ILE E 106 6.29 -7.18 16.99
CA ILE E 106 7.40 -7.32 17.94
C ILE E 106 8.37 -6.14 17.81
N GLY E 107 9.48 -6.24 18.55
CA GLY E 107 10.44 -5.15 18.69
C GLY E 107 11.15 -4.83 17.39
N ALA E 108 10.41 -4.21 16.46
CA ALA E 108 10.91 -3.88 15.14
C ALA E 108 11.74 -2.60 15.20
N PHE E 109 13.05 -2.75 15.48
CA PHE E 109 13.97 -1.64 15.61
C PHE E 109 14.41 -1.21 14.21
N ASP E 110 13.52 -0.51 13.50
CA ASP E 110 13.71 -0.19 12.09
C ASP E 110 14.70 0.96 11.86
N VAL E 111 14.52 2.07 12.58
CA VAL E 111 15.36 3.25 12.42
C VAL E 111 16.49 3.19 13.44
N TRP E 112 17.72 3.24 12.94
CA TRP E 112 18.93 3.26 13.76
C TRP E 112 19.68 4.57 13.54
N GLY E 113 20.29 5.09 14.62
CA GLY E 113 21.10 6.29 14.54
C GLY E 113 22.42 6.02 13.83
N GLN E 114 23.04 7.08 13.31
CA GLN E 114 24.26 6.98 12.51
C GLN E 114 25.52 6.62 13.32
N GLY E 115 25.34 6.29 14.61
CA GLY E 115 26.37 5.72 15.44
C GLY E 115 27.10 6.73 16.32
N THR E 116 27.55 6.26 17.50
CA THR E 116 28.32 7.05 18.45
C THR E 116 29.48 6.20 18.98
N THR E 117 30.65 6.83 19.17
CA THR E 117 31.87 6.15 19.57
C THR E 117 32.34 6.59 20.96
N VAL E 118 32.04 5.77 21.96
CA VAL E 118 32.46 6.03 23.33
C VAL E 118 33.76 5.28 23.58
N THR E 119 34.80 6.01 24.01
CA THR E 119 36.12 5.43 24.25
C THR E 119 36.62 5.77 25.67
N VAL E 120 36.98 4.72 26.42
CA VAL E 120 37.36 4.83 27.82
C VAL E 120 38.67 4.11 28.12
N SER E 121 39.60 4.82 28.77
CA SER E 121 40.90 4.28 29.17
C SER E 121 41.64 5.23 30.14
N SER E 122 42.59 4.69 30.90
CA SER E 122 43.38 5.42 31.90
C SER E 122 42.67 6.65 32.47
N ALA E 123 41.50 7.39 27.93
CA ALA E 123 42.79 8.06 28.03
C ALA E 123 42.73 9.42 27.34
N SER E 124 43.90 10.01 27.07
CA SER E 124 44.03 11.26 26.34
C SER E 124 44.48 11.01 24.91
N THR E 125 44.10 11.92 24.00
CA THR E 125 44.44 11.81 22.59
CA THR E 125 44.44 11.82 22.58
C THR E 125 45.96 11.82 22.40
N LYS E 126 46.41 11.30 21.27
CA LYS E 126 47.84 11.16 20.97
C LYS E 126 48.07 10.93 19.47
N GLY E 127 48.96 11.76 18.91
CA GLY E 127 49.29 11.73 17.49
C GLY E 127 50.17 10.54 17.13
N PRO E 128 49.91 9.87 15.99
CA PRO E 128 50.64 8.66 15.60
C PRO E 128 52.10 8.90 15.18
N SER E 129 52.92 7.86 15.29
CA SER E 129 54.22 7.78 14.65
C SER E 129 54.07 6.84 13.46
N VAL E 130 54.52 7.29 12.28
CA VAL E 130 54.38 6.53 11.04
C VAL E 130 55.73 5.97 10.61
N PHE E 131 55.73 4.72 10.13
CA PHE E 131 56.95 4.03 9.70
C PHE E 131 56.72 3.32 8.36
N PRO E 132 57.68 3.41 7.41
CA PRO E 132 57.53 2.79 6.10
C PRO E 132 57.87 1.28 6.08
N LEU E 133 57.34 0.55 5.09
CA LEU E 133 57.60 -0.87 4.91
C LEU E 133 57.92 -1.15 3.44
N ALA E 134 59.21 -1.39 3.15
CA ALA E 134 59.73 -1.53 1.79
C ALA E 134 59.85 -2.98 1.36
N PRO E 135 59.69 -3.29 0.05
CA PRO E 135 59.88 -4.65 -0.46
C PRO E 135 61.36 -5.07 -0.57
N SER E 136 61.62 -6.38 -0.52
CA SER E 136 62.96 -6.95 -0.55
C SER E 136 63.31 -7.52 -1.91
N GLY E 137 53.98 -11.48 -10.29
CA GLY E 137 55.22 -10.74 -10.39
C GLY E 137 55.11 -9.38 -9.74
N THR E 138 54.50 -9.35 -8.56
CA THR E 138 54.21 -8.12 -7.83
C THR E 138 54.74 -8.19 -6.40
N ALA E 139 55.37 -7.09 -5.96
CA ALA E 139 55.87 -6.93 -4.60
C ALA E 139 54.88 -6.13 -3.76
N ALA E 140 55.01 -6.28 -2.43
CA ALA E 140 54.15 -5.61 -1.45
C ALA E 140 54.94 -4.53 -0.71
N LEU E 141 54.25 -3.44 -0.35
CA LEU E 141 54.84 -2.33 0.37
C LEU E 141 53.75 -1.60 1.15
N GLY E 142 54.08 -1.15 2.36
CA GLY E 142 53.09 -0.59 3.27
C GLY E 142 53.59 0.48 4.23
N CYS E 143 52.68 0.89 5.12
CA CYS E 143 52.95 1.83 6.20
C CYS E 143 52.40 1.32 7.52
N LEU E 144 53.18 1.52 8.59
CA LEU E 144 52.83 1.16 9.95
C LEU E 144 52.47 2.43 10.73
N VAL E 145 51.24 2.47 11.25
CA VAL E 145 50.74 3.59 12.04
C VAL E 145 50.72 3.17 13.51
N LYS E 146 51.65 3.71 14.30
CA LYS E 146 51.91 3.26 15.67
C LYS E 146 51.56 4.30 16.73
N ASP E 147 51.17 3.82 17.91
CA ASP E 147 51.06 4.61 19.15
C ASP E 147 50.20 5.85 19.02
N TYR E 148 48.96 5.69 18.56
CA TYR E 148 47.96 6.79 18.44
C TYR E 148 46.76 6.48 19.32
N PHE E 149 45.92 7.51 19.55
CA PHE E 149 44.72 7.36 20.37
C PHE E 149 43.82 8.58 20.22
N PRO E 150 42.48 8.43 20.14
CA PRO E 150 41.82 7.15 19.95
C PRO E 150 41.64 6.84 18.45
N GLU E 151 40.66 6.01 18.12
CA GLU E 151 40.22 5.79 16.75
C GLU E 151 39.43 7.02 16.27
N PRO E 152 39.31 7.27 14.94
CA PRO E 152 39.96 6.46 13.91
C PRO E 152 41.26 7.06 13.36
N VAL E 153 41.96 6.27 12.54
CA VAL E 153 42.98 6.76 11.61
C VAL E 153 42.41 6.47 10.23
N THR E 154 42.36 7.49 9.37
CA THR E 154 41.94 7.30 7.99
C THR E 154 43.17 7.45 7.07
N VAL E 155 43.41 6.41 6.25
CA VAL E 155 44.61 6.28 5.43
C VAL E 155 44.27 6.29 3.95
N SER E 156 45.21 6.80 3.14
CA SER E 156 45.18 6.68 1.69
C SER E 156 46.59 6.48 1.14
N TRP E 157 46.69 6.13 -0.14
CA TRP E 157 47.96 5.89 -0.82
C TRP E 157 48.05 6.74 -2.10
N ASN E 158 49.14 7.51 -2.20
CA ASN E 158 49.36 8.49 -3.27
C ASN E 158 48.17 9.44 -3.39
N SER E 159 47.87 10.12 -2.28
CA SER E 159 46.79 11.10 -2.16
C SER E 159 45.37 10.55 -2.36
N GLY E 160 45.25 9.22 -2.49
CA GLY E 160 43.98 8.55 -2.73
C GLY E 160 43.81 7.98 -4.14
N ALA E 161 44.80 8.22 -5.00
CA ALA E 161 44.75 7.77 -6.39
C ALA E 161 44.86 6.24 -6.50
N LEU E 162 45.66 5.63 -5.62
CA LEU E 162 45.96 4.21 -5.60
C LEU E 162 44.94 3.44 -4.75
N THR E 163 44.30 2.41 -5.34
CA THR E 163 43.23 1.64 -4.69
C THR E 163 43.29 0.10 -4.88
N SER E 164 43.75 -0.35 -6.05
CA SER E 164 43.82 -1.76 -6.41
C SER E 164 45.02 -2.46 -5.76
N GLY E 165 44.73 -3.41 -4.85
CA GLY E 165 45.74 -4.09 -4.06
C GLY E 165 46.01 -3.42 -2.72
N VAL E 166 45.42 -2.23 -2.52
CA VAL E 166 45.59 -1.45 -1.30
C VAL E 166 44.59 -1.96 -0.28
N HIS E 167 45.08 -2.25 0.93
CA HIS E 167 44.25 -2.73 2.03
C HIS E 167 44.78 -2.31 3.39
N THR E 168 43.88 -1.77 4.23
CA THR E 168 44.18 -1.33 5.59
C THR E 168 43.54 -2.31 6.56
N PHE E 169 44.37 -2.82 7.49
CA PHE E 169 43.92 -3.77 8.49
C PHE E 169 43.21 -3.06 9.64
N PRO E 170 42.12 -3.63 10.19
CA PRO E 170 41.48 -3.09 11.39
C PRO E 170 42.48 -2.82 12.51
N ALA E 171 42.35 -1.68 13.18
CA ALA E 171 43.29 -1.26 14.22
C ALA E 171 43.31 -2.25 15.39
N VAL E 172 44.50 -2.79 15.66
CA VAL E 172 44.74 -3.61 16.86
C VAL E 172 45.06 -2.65 18.02
N LEU E 173 44.90 -3.15 19.25
CA LEU E 173 45.16 -2.37 20.47
C LEU E 173 46.30 -2.96 21.28
N GLN E 174 47.09 -2.08 21.90
CA GLN E 174 48.26 -2.47 22.69
C GLN E 174 47.94 -2.56 24.18
N SER E 175 48.73 -3.37 24.89
CA SER E 175 48.68 -3.48 26.36
C SER E 175 49.13 -2.18 27.03
N SER E 176 49.86 -1.35 26.28
CA SER E 176 50.21 0.01 26.69
C SER E 176 48.98 0.92 26.79
N GLY E 177 47.97 0.64 25.94
CA GLY E 177 46.75 1.43 25.88
C GLY E 177 46.67 2.34 24.66
N LEU E 178 47.59 2.19 23.72
CA LEU E 178 47.59 2.92 22.46
C LEU E 178 47.24 1.99 21.30
N TYR E 179 46.73 2.57 20.22
CA TYR E 179 46.28 1.85 18.99
C TYR E 179 47.42 1.76 17.97
N SER E 180 47.38 0.71 17.14
CA SER E 180 48.27 0.54 15.98
C SER E 180 47.52 -0.10 14.82
N LEU E 181 47.97 0.18 13.60
CA LEU E 181 47.45 -0.47 12.39
C LEU E 181 48.47 -0.38 11.25
N SER E 182 48.14 -1.00 10.12
CA SER E 182 48.96 -0.95 8.93
C SER E 182 48.13 -0.96 7.64
N SER E 183 48.71 -0.42 6.57
CA SER E 183 48.08 -0.35 5.26
C SER E 183 49.10 -0.68 4.18
N VAL E 184 48.74 -1.58 3.26
CA VAL E 184 49.69 -2.15 2.30
C VAL E 184 49.12 -2.25 0.89
N VAL E 185 49.99 -2.11 -0.12
CA VAL E 185 49.63 -2.17 -1.54
C VAL E 185 50.51 -3.18 -2.29
N THR E 186 49.97 -3.70 -3.40
CA THR E 186 50.64 -4.67 -4.27
C THR E 186 50.92 -4.06 -5.65
N VAL E 187 52.21 -3.97 -6.01
CA VAL E 187 52.65 -3.27 -7.23
C VAL E 187 53.62 -4.12 -8.06
N PRO E 188 53.90 -3.76 -9.34
CA PRO E 188 54.89 -4.48 -10.15
C PRO E 188 56.31 -4.46 -9.55
N SER E 189 57.09 -5.52 -9.81
CA SER E 189 58.43 -5.67 -9.24
C SER E 189 59.44 -4.61 -9.71
N SER E 190 59.62 -4.49 -11.03
CA SER E 190 60.66 -3.63 -11.62
C SER E 190 60.30 -2.14 -11.82
N SER E 191 59.11 -1.74 -11.37
CA SER E 191 58.66 -0.35 -11.38
C SER E 191 59.11 0.42 -10.13
N LEU E 192 59.43 -0.33 -9.07
CA LEU E 192 59.80 0.20 -7.75
C LEU E 192 61.01 1.14 -7.72
N GLY E 193 61.88 1.04 -8.72
CA GLY E 193 63.03 1.92 -8.87
C GLY E 193 62.64 3.38 -9.13
N THR E 194 61.64 3.58 -9.99
CA THR E 194 61.22 4.89 -10.47
C THR E 194 59.94 5.41 -9.80
N GLN E 195 58.93 4.53 -9.69
CA GLN E 195 57.62 4.90 -9.17
C GLN E 195 57.67 5.22 -7.67
N THR E 196 57.08 6.37 -7.31
CA THR E 196 57.01 6.84 -5.92
C THR E 196 55.68 6.40 -5.28
N TYR E 197 55.76 5.92 -4.04
CA TYR E 197 54.63 5.44 -3.21
C TYR E 197 54.65 6.17 -1.85
N ILE E 198 53.76 7.15 -1.67
CA ILE E 198 53.65 7.94 -0.44
C ILE E 198 52.29 7.67 0.19
N CYS E 199 52.29 7.16 1.43
CA CYS E 199 51.04 6.93 2.17
C CYS E 199 50.66 8.17 2.98
N ASN E 200 49.34 8.42 3.07
CA ASN E 200 48.77 9.58 3.76
C ASN E 200 48.02 9.14 5.01
N VAL E 201 48.53 9.58 6.18
CA VAL E 201 47.96 9.27 7.49
C VAL E 201 47.21 10.50 8.03
N ASN E 202 45.88 10.43 8.03
CA ASN E 202 45.01 11.48 8.54
C ASN E 202 44.37 11.04 9.86
N HIS E 203 44.94 11.52 10.97
CA HIS E 203 44.44 11.24 12.32
C HIS E 203 43.80 12.51 12.89
N LYS E 204 42.47 12.59 12.80
CA LYS E 204 41.69 13.76 13.15
C LYS E 204 41.77 14.12 14.64
N PRO E 205 41.54 13.17 15.57
CA PRO E 205 41.40 13.49 16.99
C PRO E 205 42.56 14.31 17.61
N SER E 206 43.79 14.16 17.07
CA SER E 206 44.97 14.84 17.59
C SER E 206 45.47 16.00 16.71
N ASN E 207 44.80 16.22 15.57
CA ASN E 207 45.28 17.15 14.55
C ASN E 207 46.68 16.72 14.06
N THR E 208 46.74 15.54 13.44
CA THR E 208 47.97 14.98 12.88
C THR E 208 47.73 14.49 11.45
N LYS E 209 48.21 15.27 10.47
CA LYS E 209 48.07 14.98 9.05
C LYS E 209 49.49 14.79 8.48
N VAL E 210 49.91 13.53 8.37
CA VAL E 210 51.31 13.20 8.02
C VAL E 210 51.41 12.22 6.84
N ASP E 211 52.39 12.48 5.96
CA ASP E 211 52.68 11.65 4.78
C ASP E 211 54.05 10.99 4.93
N LYS E 212 54.25 9.86 4.24
CA LYS E 212 55.50 9.11 4.28
C LYS E 212 55.86 8.48 2.94
N LYS E 213 57.09 8.76 2.48
CA LYS E 213 57.63 8.25 1.21
C LYS E 213 58.31 6.91 1.44
N VAL E 214 57.92 5.90 0.65
CA VAL E 214 58.42 4.53 0.77
C VAL E 214 59.42 4.19 -0.33
N GLU E 215 60.72 4.26 0.00
CA GLU E 215 61.81 3.82 -0.88
C GLU E 215 62.07 2.33 -0.66
N PRO E 216 62.34 1.54 -1.73
CA PRO E 216 62.57 0.10 -1.59
C PRO E 216 63.88 -0.26 -0.88
N LYS E 217 64.21 -1.57 -0.84
CA LYS E 217 65.48 -2.08 -0.34
C LYS E 217 66.41 -2.46 -1.49
N ALA E 218 67.71 -2.56 -1.18
CA ALA E 218 68.74 -2.98 -2.14
C ALA E 218 68.78 -4.51 -2.38
N ALA E 219 68.43 -5.27 -1.33
CA ALA E 219 68.30 -6.73 -1.41
C ALA E 219 67.17 -7.23 -0.51
CA GLU F 1 16.19 -12.73 31.61
C GLU F 1 16.45 -13.91 30.68
N ILE F 2 15.96 -13.79 29.43
CA ILE F 2 16.02 -14.86 28.44
C ILE F 2 17.32 -14.83 27.64
N VAL F 3 17.92 -16.01 27.47
CA VAL F 3 19.16 -16.21 26.69
C VAL F 3 18.82 -16.72 25.29
N LEU F 4 19.44 -16.10 24.27
CA LEU F 4 19.27 -16.48 22.87
C LEU F 4 20.55 -17.09 22.29
N THR F 5 20.38 -18.22 21.58
CA THR F 5 21.47 -18.96 20.95
C THR F 5 21.09 -19.33 19.52
N GLN F 6 21.63 -18.57 18.56
CA GLN F 6 21.53 -18.90 17.13
C GLN F 6 22.41 -20.10 16.79
N SER F 7 22.24 -20.60 15.56
CA SER F 7 23.06 -21.67 15.01
C SER F 7 22.84 -21.75 13.50
N PRO F 8 23.90 -21.95 12.68
CA PRO F 8 25.28 -22.09 13.15
C PRO F 8 25.96 -20.73 13.44
N GLY F 9 27.26 -20.76 13.72
CA GLY F 9 28.06 -19.55 13.91
C GLY F 9 28.46 -18.90 12.60
N THR F 10 28.80 -19.73 11.62
CA THR F 10 29.21 -19.29 10.28
C THR F 10 28.52 -20.15 9.21
N LEU F 11 28.35 -19.58 8.01
CA LEU F 11 27.74 -20.29 6.89
C LEU F 11 28.35 -19.88 5.54
N SER F 12 29.24 -20.74 5.02
CA SER F 12 29.96 -20.51 3.77
C SER F 12 29.17 -21.00 2.56
N LEU F 13 28.59 -20.06 1.81
CA LEU F 13 27.73 -20.38 0.67
C LEU F 13 27.97 -19.43 -0.50
N SER F 14 27.42 -19.79 -1.67
CA SER F 14 27.68 -19.10 -2.92
C SER F 14 26.47 -18.25 -3.34
N PRO F 15 26.68 -17.18 -4.15
CA PRO F 15 25.56 -16.48 -4.78
C PRO F 15 24.69 -17.42 -5.64
N GLY F 16 23.44 -17.62 -5.24
CA GLY F 16 22.52 -18.57 -5.86
C GLY F 16 22.03 -19.60 -4.86
N GLU F 17 22.96 -20.10 -4.03
CA GLU F 17 22.67 -21.11 -3.01
C GLU F 17 21.68 -20.59 -1.95
N ARG F 18 21.20 -21.51 -1.12
CA ARG F 18 20.18 -21.26 -0.06
C ARG F 18 20.86 -21.24 1.32
N ALA F 19 20.43 -20.33 2.20
CA ALA F 19 21.02 -20.15 3.53
C ALA F 19 19.93 -20.07 4.60
N THR F 20 20.00 -20.96 5.60
CA THR F 20 19.03 -21.02 6.69
C THR F 20 19.71 -20.90 8.06
N LEU F 21 19.18 -19.97 8.89
CA LEU F 21 19.70 -19.69 10.22
C LEU F 21 18.64 -19.97 11.28
N SER F 22 19.00 -20.78 12.28
CA SER F 22 18.12 -21.07 13.42
C SER F 22 18.41 -20.11 14.57
N CYS F 23 17.41 -19.90 15.42
CA CYS F 23 17.53 -19.13 16.66
C CYS F 23 16.74 -19.84 17.77
N ARG F 24 17.49 -20.27 18.80
CA ARG F 24 16.98 -21.00 19.99
C ARG F 24 16.81 -20.03 21.16
N ALA F 25 15.72 -20.14 21.91
CA ALA F 25 15.46 -19.32 23.09
C ALA F 25 15.49 -20.19 24.34
N SER F 26 15.82 -19.58 25.48
CA SER F 26 15.85 -20.26 26.78
C SER F 26 14.45 -20.39 27.39
N GLN F 27 13.59 -19.38 27.15
CA GLN F 27 12.18 -19.41 27.54
C GLN F 27 11.28 -19.19 26.34
N SER F 28 10.02 -19.63 26.49
CA SER F 28 9.02 -19.55 25.44
C SER F 28 8.66 -18.10 25.11
N VAL F 29 8.42 -17.85 23.81
CA VAL F 29 7.86 -16.59 23.33
C VAL F 29 6.85 -16.89 22.22
N GLY F 30 5.75 -16.15 22.20
CA GLY F 30 4.71 -16.32 21.19
C GLY F 30 5.26 -15.99 19.82
N ASN F 31 4.47 -16.31 18.78
CA ASN F 31 4.84 -16.01 17.40
C ASN F 31 5.15 -14.53 17.23
N ILE F 32 4.16 -13.68 17.51
CA ILE F 32 4.28 -12.23 17.38
C ILE F 32 5.08 -11.63 18.54
N TYR F 33 6.35 -12.03 18.67
CA TYR F 33 7.31 -11.57 19.72
C TYR F 33 8.75 -11.91 19.30
N LEU F 34 9.13 -11.57 18.07
CA LEU F 34 10.48 -11.83 17.57
C LEU F 34 10.80 -10.99 16.34
N ALA F 35 12.08 -10.59 16.22
CA ALA F 35 12.58 -9.87 15.06
C ALA F 35 13.98 -10.34 14.63
N TRP F 36 14.25 -10.25 13.33
CA TRP F 36 15.55 -10.59 12.73
C TRP F 36 16.19 -9.36 12.08
N TYR F 37 17.53 -9.30 12.13
CA TYR F 37 18.35 -8.13 11.71
C TYR F 37 19.56 -8.56 10.87
N GLN F 38 20.00 -7.68 9.97
CA GLN F 38 21.23 -7.82 9.20
C GLN F 38 22.16 -6.65 9.52
N GLN F 39 23.47 -6.92 9.56
CA GLN F 39 24.49 -5.89 9.76
C GLN F 39 25.66 -6.10 8.81
N LYS F 40 25.80 -5.17 7.86
CA LYS F 40 26.97 -5.11 6.99
C LYS F 40 28.11 -4.44 7.78
N PRO F 41 29.38 -4.83 7.54
CA PRO F 41 30.51 -4.27 8.29
C PRO F 41 30.61 -2.73 8.21
N GLY F 42 30.81 -2.09 9.36
CA GLY F 42 30.97 -0.65 9.46
C GLY F 42 29.72 0.13 9.14
N GLN F 43 28.58 -0.35 9.64
CA GLN F 43 27.28 0.27 9.39
C GLN F 43 26.30 0.01 10.54
N ALA F 44 25.28 0.87 10.63
CA ALA F 44 24.16 0.67 11.53
C ALA F 44 23.30 -0.47 10.97
N PRO F 45 22.93 -1.49 11.78
CA PRO F 45 22.12 -2.62 11.30
C PRO F 45 20.80 -2.24 10.59
N ARG F 46 20.11 -3.27 10.09
CA ARG F 46 18.92 -3.16 9.20
C ARG F 46 17.90 -4.21 9.63
N LEU F 47 16.63 -3.81 9.79
CA LEU F 47 15.55 -4.72 10.15
C LEU F 47 15.18 -5.58 8.95
N LEU F 48 14.88 -6.87 9.20
CA LEU F 48 14.46 -7.80 8.17
C LEU F 48 13.06 -8.33 8.44
N ILE F 49 12.91 -9.05 9.56
CA ILE F 49 11.64 -9.65 9.97
C ILE F 49 11.25 -9.07 11.34
N TYR F 50 9.94 -8.92 11.56
CA TYR F 50 9.32 -8.61 12.86
C TYR F 50 8.07 -9.48 13.04
N GLY F 51 7.66 -9.69 14.29
CA GLY F 51 6.57 -10.59 14.64
C GLY F 51 6.81 -12.01 14.16
N ALA F 52 8.08 -12.41 14.11
CA ALA F 52 8.53 -13.72 13.64
C ALA F 52 8.22 -14.06 12.17
N SER F 53 7.06 -13.58 11.67
CA SER F 53 6.55 -13.94 10.35
C SER F 53 5.92 -12.76 9.61
N THR F 54 6.51 -11.56 9.79
CA THR F 54 6.12 -10.38 9.03
C THR F 54 7.38 -9.69 8.51
N ARG F 55 7.49 -9.58 7.18
CA ARG F 55 8.63 -8.91 6.50
C ARG F 55 8.58 -7.42 6.79
N ALA F 56 9.73 -6.74 6.73
CA ALA F 56 9.84 -5.30 6.94
C ALA F 56 9.51 -4.56 5.64
N THR F 57 9.41 -3.22 5.74
CA THR F 57 9.01 -2.36 4.63
C THR F 57 9.99 -2.45 3.45
N GLY F 58 9.66 -3.31 2.48
CA GLY F 58 10.39 -3.45 1.23
C GLY F 58 11.46 -4.53 1.18
N ILE F 59 11.35 -5.54 2.06
CA ILE F 59 12.27 -6.68 2.07
C ILE F 59 11.89 -7.64 0.95
N PRO F 60 12.87 -8.14 0.15
CA PRO F 60 12.58 -9.14 -0.89
C PRO F 60 12.01 -10.45 -0.34
N ASP F 61 11.22 -11.15 -1.16
CA ASP F 61 10.51 -12.38 -0.76
C ASP F 61 11.43 -13.60 -0.55
N ARG F 62 12.68 -13.52 -1.05
CA ARG F 62 13.73 -14.54 -0.83
C ARG F 62 14.05 -14.64 0.66
N PHE F 63 13.92 -13.52 1.39
CA PHE F 63 13.96 -13.50 2.85
C PHE F 63 12.60 -13.95 3.40
N SER F 64 12.63 -14.98 4.25
CA SER F 64 11.44 -15.52 4.89
C SER F 64 11.76 -16.01 6.29
N GLY F 65 11.03 -15.46 7.27
CA GLY F 65 11.16 -15.82 8.68
C GLY F 65 10.02 -16.72 9.10
N SER F 66 10.26 -17.51 10.15
CA SER F 66 9.28 -18.46 10.67
C SER F 66 9.72 -19.01 12.04
N GLY F 67 8.90 -19.90 12.60
CA GLY F 67 9.20 -20.61 13.83
C GLY F 67 8.12 -20.47 14.88
N SER F 68 8.37 -21.05 16.06
CA SER F 68 7.43 -21.01 17.18
C SER F 68 8.07 -21.47 18.48
N GLY F 69 7.53 -20.99 19.61
CA GLY F 69 7.95 -21.38 20.94
C GLY F 69 9.34 -20.88 21.29
N THR F 70 10.35 -21.74 21.05
CA THR F 70 11.75 -21.44 21.32
C THR F 70 12.69 -21.72 20.14
N ASP F 71 12.14 -22.20 19.03
CA ASP F 71 12.93 -22.56 17.84
C ASP F 71 12.42 -21.81 16.64
N PHE F 72 13.30 -20.97 16.07
CA PHE F 72 12.92 -20.06 14.99
C PHE F 72 13.91 -20.11 13.83
N THR F 73 13.43 -19.70 12.65
CA THR F 73 14.16 -19.88 11.40
C THR F 73 14.13 -18.62 10.56
N LEU F 74 15.22 -18.41 9.80
CA LEU F 74 15.32 -17.37 8.79
C LEU F 74 15.99 -17.98 7.55
N THR F 75 15.27 -17.97 6.43
CA THR F 75 15.73 -18.58 5.18
C THR F 75 15.86 -17.53 4.07
N ILE F 76 17.04 -17.50 3.44
CA ILE F 76 17.33 -16.70 2.25
C ILE F 76 17.49 -17.70 1.10
N SER F 77 16.44 -17.83 0.27
CA SER F 77 16.34 -18.91 -0.71
C SER F 77 17.29 -18.79 -1.91
N ARG F 78 17.61 -17.56 -2.30
CA ARG F 78 18.52 -17.23 -3.43
C ARG F 78 19.50 -16.14 -2.99
N LEU F 79 20.60 -16.54 -2.32
CA LEU F 79 21.61 -15.62 -1.81
C LEU F 79 22.19 -14.75 -2.94
N GLU F 80 22.37 -13.46 -2.65
CA GLU F 80 22.96 -12.49 -3.56
C GLU F 80 24.27 -11.95 -2.97
N PRO F 81 25.09 -11.21 -3.76
CA PRO F 81 26.30 -10.59 -3.24
C PRO F 81 26.06 -9.63 -2.06
N GLU F 82 24.84 -9.11 -1.95
CA GLU F 82 24.42 -8.19 -0.90
C GLU F 82 23.93 -8.88 0.39
N ASP F 83 23.67 -10.19 0.32
CA ASP F 83 23.20 -10.96 1.47
C ASP F 83 24.31 -11.35 2.45
N PHE F 84 25.56 -11.01 2.11
CA PHE F 84 26.69 -11.13 3.05
C PHE F 84 26.54 -10.12 4.18
N ALA F 85 26.55 -10.64 5.42
CA ALA F 85 26.50 -9.82 6.63
C ALA F 85 26.47 -10.71 7.88
N VAL F 86 26.46 -10.07 9.05
CA VAL F 86 26.17 -10.73 10.32
C VAL F 86 24.67 -10.59 10.53
N TYR F 87 24.03 -11.67 10.99
CA TYR F 87 22.56 -11.81 11.15
C TYR F 87 22.23 -12.08 12.62
N TYR F 88 21.40 -11.23 13.23
CA TYR F 88 21.02 -11.27 14.66
C TYR F 88 19.52 -11.53 14.81
N CYS F 89 19.13 -12.53 15.61
CA CYS F 89 17.76 -12.70 16.09
C CYS F 89 17.64 -11.89 17.37
N GLN F 90 16.40 -11.48 17.70
CA GLN F 90 16.14 -10.61 18.85
C GLN F 90 14.70 -10.77 19.36
N GLN F 91 14.59 -11.11 20.65
CA GLN F 91 13.30 -11.40 21.28
C GLN F 91 12.76 -10.20 22.06
N TYR F 92 11.44 -10.04 22.02
CA TYR F 92 10.69 -8.87 22.54
C TYR F 92 9.60 -9.32 23.53
N GLY F 93 9.50 -10.64 23.79
CA GLY F 93 8.45 -11.23 24.61
C GLY F 93 8.37 -10.68 26.02
N ASP F 94 9.28 -11.14 26.87
CA ASP F 94 9.37 -10.69 28.26
C ASP F 94 10.34 -9.53 28.41
N SER F 95 10.39 -8.96 29.61
CA SER F 95 11.46 -8.06 30.03
C SER F 95 12.37 -8.88 30.93
N LEU F 96 13.68 -8.91 30.66
CA LEU F 96 14.37 -8.01 29.74
C LEU F 96 14.21 -8.41 28.27
N TRP F 97 14.50 -7.46 27.37
CA TRP F 97 14.66 -7.75 25.94
C TRP F 97 16.11 -8.14 25.70
N THR F 98 16.32 -9.16 24.86
CA THR F 98 17.65 -9.69 24.58
C THR F 98 17.88 -9.97 23.09
N PHE F 99 19.17 -9.93 22.71
CA PHE F 99 19.64 -10.21 21.36
C PHE F 99 20.43 -11.52 21.34
N GLY F 100 20.41 -12.18 20.17
CA GLY F 100 21.21 -13.37 19.92
C GLY F 100 22.66 -12.99 19.68
N GLN F 101 23.54 -14.00 19.64
CA GLN F 101 24.98 -13.80 19.55
C GLN F 101 25.44 -13.24 18.19
N GLY F 102 24.75 -13.64 17.12
CA GLY F 102 25.05 -13.19 15.77
C GLY F 102 25.76 -14.23 14.94
N THR F 103 25.20 -14.52 13.75
CA THR F 103 25.69 -15.54 12.84
C THR F 103 26.20 -14.88 11.56
N LYS F 104 27.44 -15.19 11.16
CA LYS F 104 28.04 -14.63 9.95
C LYS F 104 27.68 -15.48 8.73
N VAL F 105 26.94 -14.88 7.79
CA VAL F 105 26.64 -15.49 6.50
C VAL F 105 27.80 -15.14 5.56
N GLU F 106 28.78 -16.04 5.51
CA GLU F 106 30.01 -15.87 4.73
C GLU F 106 29.83 -16.36 3.30
N ILE F 107 30.49 -15.68 2.36
CA ILE F 107 30.51 -16.10 0.96
C ILE F 107 31.68 -17.07 0.78
N LYS F 108 31.36 -18.34 0.48
CA LYS F 108 32.32 -19.43 0.34
C LYS F 108 33.53 -19.02 -0.48
N GLY F 109 31.34 -18.94 -3.50
CA GLY F 109 31.80 -19.71 -4.65
C GLY F 109 33.27 -19.50 -4.95
N GLN F 110 34.12 -19.77 -3.94
CA GLN F 110 35.58 -19.68 -4.05
C GLN F 110 36.23 -20.92 -3.47
N PRO F 111 37.25 -21.51 -4.13
CA PRO F 111 37.91 -22.72 -3.64
C PRO F 111 38.85 -22.40 -2.47
N LYS F 112 39.54 -23.43 -1.96
CA LYS F 112 40.56 -23.26 -0.95
C LYS F 112 41.68 -22.43 -1.56
N ALA F 113 41.99 -21.30 -0.91
CA ALA F 113 43.00 -20.38 -1.41
C ALA F 113 44.09 -20.17 -0.37
N ASN F 114 45.31 -20.58 -0.71
CA ASN F 114 46.48 -20.34 0.13
C ASN F 114 46.83 -18.85 0.12
N PRO F 115 47.37 -18.31 1.23
CA PRO F 115 47.66 -16.88 1.32
C PRO F 115 48.99 -16.48 0.67
N THR F 116 49.08 -15.23 0.20
CA THR F 116 50.36 -14.60 -0.09
C THR F 116 50.91 -14.16 1.27
N VAL F 117 52.15 -14.56 1.53
CA VAL F 117 52.85 -14.28 2.78
C VAL F 117 54.06 -13.42 2.47
N THR F 118 54.12 -12.25 3.13
CA THR F 118 55.25 -11.33 2.96
C THR F 118 55.67 -10.80 4.33
N LEU F 119 56.95 -10.45 4.47
CA LEU F 119 57.55 -10.08 5.74
C LEU F 119 58.35 -8.78 5.66
N PHE F 120 58.26 -7.96 6.71
CA PHE F 120 58.95 -6.68 6.77
C PHE F 120 59.63 -6.50 8.13
N PRO F 121 60.97 -6.27 8.18
CA PRO F 121 61.64 -5.99 9.45
C PRO F 121 61.38 -4.57 9.94
N PRO F 122 61.85 -4.19 11.16
CA PRO F 122 61.62 -2.84 11.68
C PRO F 122 62.22 -1.76 10.77
N SER F 123 61.62 -0.57 10.75
CA SER F 123 62.19 0.59 10.09
C SER F 123 63.30 1.16 10.98
N SER F 124 64.42 1.51 10.35
CA SER F 124 65.57 2.10 11.04
C SER F 124 65.16 3.32 11.85
N GLU F 125 64.13 4.03 11.36
CA GLU F 125 63.48 5.14 12.05
C GLU F 125 62.94 4.73 13.42
N GLU F 126 62.21 3.61 13.46
CA GLU F 126 61.63 3.07 14.69
C GLU F 126 62.71 2.64 15.68
N LEU F 127 63.78 2.03 15.14
CA LEU F 127 64.90 1.55 15.95
C LEU F 127 65.60 2.69 16.69
N GLN F 128 65.81 3.80 15.97
CA GLN F 128 66.31 5.05 16.55
C GLN F 128 65.43 5.50 17.71
N ALA F 129 64.10 5.37 17.53
CA ALA F 129 63.11 5.75 18.54
C ALA F 129 62.98 4.74 19.69
N ASN F 130 63.93 3.79 19.77
CA ASN F 130 64.07 2.87 20.90
C ASN F 130 62.98 1.78 20.95
N LYS F 131 62.41 1.45 19.78
CA LYS F 131 61.44 0.35 19.66
C LYS F 131 61.61 -0.39 18.35
N ALA F 132 61.25 -1.68 18.34
CA ALA F 132 61.49 -2.59 17.22
C ALA F 132 60.29 -3.50 16.98
N THR F 133 59.51 -3.18 15.94
CA THR F 133 58.30 -3.94 15.60
C THR F 133 58.45 -4.63 14.24
N LEU F 134 58.10 -5.92 14.20
CA LEU F 134 58.14 -6.73 12.98
C LEU F 134 56.73 -6.97 12.46
N VAL F 135 56.58 -6.95 11.12
CA VAL F 135 55.28 -7.07 10.47
C VAL F 135 55.27 -8.25 9.50
N CYS F 136 54.39 -9.22 9.78
CA CYS F 136 54.20 -10.38 8.91
C CYS F 136 52.80 -10.38 8.31
N LEU F 137 52.73 -10.24 6.98
CA LEU F 137 51.49 -10.08 6.22
C LEU F 137 51.03 -11.37 5.58
N ILE F 138 49.71 -11.62 5.67
CA ILE F 138 49.06 -12.77 5.07
C ILE F 138 47.77 -12.26 4.43
N ASP F 139 47.67 -12.38 3.09
CA ASP F 139 46.46 -11.90 2.38
C ASP F 139 45.99 -12.80 1.24
N ASN F 140 44.80 -12.47 0.69
CA ASN F 140 44.15 -13.23 -0.39
C ASN F 140 44.12 -14.74 -0.13
N PHE F 141 43.44 -15.13 0.96
CA PHE F 141 43.21 -16.53 1.27
C PHE F 141 41.77 -16.79 1.68
N TYR F 142 41.41 -18.08 1.66
CA TYR F 142 40.09 -18.61 2.10
C TYR F 142 40.26 -20.08 2.52
N PRO F 143 39.69 -20.53 3.66
CA PRO F 143 38.84 -19.71 4.53
C PRO F 143 39.58 -18.89 5.59
N GLY F 144 38.83 -18.08 6.34
CA GLY F 144 39.37 -17.15 7.33
C GLY F 144 39.93 -17.75 8.61
N ALA F 145 39.90 -19.10 8.72
CA ALA F 145 40.50 -19.82 9.82
C ALA F 145 41.99 -20.05 9.53
N VAL F 146 42.86 -19.46 10.37
CA VAL F 146 44.31 -19.45 10.16
C VAL F 146 45.10 -19.35 11.47
N THR F 147 46.41 -19.58 11.38
CA THR F 147 47.35 -19.45 12.49
C THR F 147 48.71 -18.95 12.02
N VAL F 148 49.42 -18.24 12.92
CA VAL F 148 50.75 -17.68 12.67
C VAL F 148 51.65 -17.85 13.89
N ALA F 149 52.94 -18.11 13.64
CA ALA F 149 53.92 -18.33 14.70
C ALA F 149 55.25 -17.62 14.41
N TRP F 150 55.75 -16.89 15.40
CA TRP F 150 56.97 -16.08 15.29
C TRP F 150 58.19 -16.83 15.80
N LYS F 151 59.36 -16.55 15.21
CA LYS F 151 60.64 -17.16 15.61
C LYS F 151 61.78 -16.15 15.79
N ALA F 152 62.28 -16.05 17.02
CA ALA F 152 63.56 -15.42 17.34
C ALA F 152 64.63 -16.48 17.13
N ASP F 153 65.43 -16.32 16.07
CA ASP F 153 66.31 -17.36 15.55
C ASP F 153 65.44 -18.58 15.23
N GLY F 154 65.80 -19.75 15.77
CA GLY F 154 65.02 -20.97 15.59
C GLY F 154 64.11 -21.29 16.77
N SER F 155 63.76 -20.27 17.56
CA SER F 155 63.00 -20.43 18.80
C SER F 155 61.79 -19.51 18.83
N PRO F 156 60.56 -20.01 19.13
CA PRO F 156 59.35 -19.21 18.98
C PRO F 156 59.19 -18.09 20.03
N VAL F 157 58.85 -16.89 19.58
CA VAL F 157 58.51 -15.76 20.44
C VAL F 157 57.05 -15.92 20.86
N LYS F 158 56.76 -15.56 22.11
CA LYS F 158 55.51 -15.87 22.80
C LYS F 158 54.62 -14.64 23.00
N ALA F 159 55.21 -13.57 23.55
CA ALA F 159 54.51 -12.32 23.83
C ALA F 159 54.94 -11.21 22.88
N GLY F 160 54.20 -10.09 22.93
CA GLY F 160 54.39 -8.96 22.04
C GLY F 160 53.84 -9.22 20.66
N VAL F 161 53.04 -10.29 20.53
CA VAL F 161 52.45 -10.71 19.26
C VAL F 161 50.95 -10.38 19.24
N GLU F 162 50.57 -9.41 18.41
CA GLU F 162 49.18 -9.02 18.22
C GLU F 162 48.87 -9.02 16.73
N THR F 163 47.72 -9.59 16.37
CA THR F 163 47.37 -9.86 14.97
C THR F 163 45.98 -9.30 14.66
N THR F 164 45.83 -8.76 13.45
CA THR F 164 44.54 -8.26 12.97
C THR F 164 43.69 -9.43 12.52
N LYS F 165 42.41 -9.42 12.91
CA LYS F 165 41.48 -10.52 12.68
C LYS F 165 41.11 -10.62 11.21
N PRO F 166 40.37 -11.69 10.80
CA PRO F 166 39.97 -11.85 9.39
C PRO F 166 39.26 -10.62 8.82
N SER F 167 40.03 -9.71 8.21
CA SER F 167 39.49 -8.55 7.51
C SER F 167 39.15 -8.96 6.10
N LYS F 168 37.85 -9.18 5.83
CA LYS F 168 37.38 -9.66 4.53
C LYS F 168 37.53 -8.58 3.45
N GLN F 169 37.86 -9.03 2.23
CA GLN F 169 38.13 -8.18 1.08
C GLN F 169 36.89 -8.09 0.17
N SER F 170 36.98 -7.24 -0.86
CA SER F 170 35.92 -7.06 -1.85
C SER F 170 35.77 -8.24 -2.81
N ASN F 171 36.90 -8.91 -3.10
CA ASN F 171 36.91 -10.20 -3.83
C ASN F 171 36.57 -11.39 -2.91
N ASN F 172 36.27 -11.08 -1.64
CA ASN F 172 35.72 -12.01 -0.63
C ASN F 172 36.67 -13.12 -0.16
N LYS F 173 37.95 -13.02 -0.53
CA LYS F 173 39.05 -13.64 0.19
C LYS F 173 39.32 -12.75 1.40
N TYR F 174 40.18 -13.19 2.31
CA TYR F 174 40.44 -12.51 3.62
C TYR F 174 41.84 -11.90 3.65
N ALA F 175 42.14 -11.15 4.72
CA ALA F 175 43.47 -10.61 4.97
C ALA F 175 43.73 -10.43 6.47
N ALA F 176 44.92 -10.85 6.92
CA ALA F 176 45.37 -10.73 8.32
C ALA F 176 46.87 -10.46 8.39
N SER F 177 47.29 -9.72 9.43
CA SER F 177 48.67 -9.30 9.61
C SER F 177 49.05 -9.32 11.09
N SER F 178 50.25 -9.80 11.38
CA SER F 178 50.75 -9.90 12.75
C SER F 178 51.89 -8.93 13.02
N TYR F 179 51.85 -8.34 14.22
CA TYR F 179 52.82 -7.36 14.78
C TYR F 179 53.57 -8.01 15.94
N LEU F 180 54.89 -7.80 16.00
CA LEU F 180 55.73 -8.28 17.08
C LEU F 180 56.56 -7.12 17.62
N SER F 181 56.15 -6.60 18.79
CA SER F 181 56.82 -5.49 19.45
C SER F 181 57.89 -5.98 20.41
N LEU F 182 59.14 -5.57 20.16
CA LEU F 182 60.31 -5.95 20.95
C LEU F 182 61.12 -4.71 21.32
N THR F 183 62.20 -4.91 22.09
CA THR F 183 63.18 -3.86 22.36
C THR F 183 64.26 -3.86 21.29
N PRO F 184 64.96 -2.73 21.04
CA PRO F 184 66.11 -2.70 20.15
C PRO F 184 67.21 -3.69 20.58
N GLU F 185 67.38 -3.88 21.90
CA GLU F 185 68.34 -4.81 22.47
C GLU F 185 68.09 -6.22 21.93
N GLN F 186 66.88 -6.73 22.13
CA GLN F 186 66.50 -8.08 21.71
C GLN F 186 66.56 -8.24 20.18
N TRP F 187 66.13 -7.20 19.44
CA TRP F 187 66.15 -7.22 17.97
C TRP F 187 67.57 -7.38 17.40
N LYS F 188 68.54 -6.73 18.05
CA LYS F 188 69.94 -6.72 17.60
C LYS F 188 70.74 -7.95 18.05
N SER F 189 70.37 -8.53 19.20
CA SER F 189 71.10 -9.67 19.79
C SER F 189 70.71 -11.05 19.25
N HIS F 190 69.88 -11.09 18.20
CA HIS F 190 69.49 -12.32 17.50
C HIS F 190 69.81 -12.22 16.02
N ARG F 191 70.38 -13.30 15.47
CA ARG F 191 71.02 -13.33 14.13
C ARG F 191 69.96 -13.22 13.02
N SER F 192 68.80 -13.86 13.18
CA SER F 192 67.71 -13.76 12.21
C SER F 192 66.36 -14.04 12.84
N TYR F 193 65.31 -13.46 12.25
CA TYR F 193 63.90 -13.53 12.73
C TYR F 193 63.01 -14.13 11.63
N SER F 194 62.12 -15.06 12.00
CA SER F 194 61.30 -15.79 11.04
C SER F 194 59.81 -15.70 11.38
N CYS F 195 58.97 -16.01 10.37
CA CYS F 195 57.52 -16.00 10.48
C CYS F 195 56.95 -17.25 9.80
N GLN F 196 56.38 -18.15 10.61
CA GLN F 196 55.79 -19.41 10.16
C GLN F 196 54.27 -19.29 10.03
N VAL F 197 53.73 -19.88 8.95
CA VAL F 197 52.29 -19.87 8.66
C VAL F 197 51.81 -21.27 8.31
N THR F 198 50.65 -21.66 8.86
CA THR F 198 50.00 -22.91 8.52
C THR F 198 48.54 -22.64 8.12
N HIS F 199 48.25 -22.78 6.83
CA HIS F 199 46.90 -22.58 6.30
C HIS F 199 46.43 -23.83 5.56
N GLU F 200 45.42 -24.49 6.14
CA GLU F 200 44.81 -25.70 5.59
C GLU F 200 45.88 -26.69 5.09
N GLY F 201 46.80 -27.06 5.99
CA GLY F 201 47.83 -28.05 5.74
C GLY F 201 49.25 -27.47 5.70
N SER F 202 49.60 -26.88 4.55
CA SER F 202 50.98 -26.44 4.27
C SER F 202 51.53 -25.46 5.33
N THR F 203 52.74 -25.79 5.82
CA THR F 203 53.50 -24.95 6.75
C THR F 203 54.62 -24.21 6.01
N VAL F 204 54.34 -22.95 5.64
CA VAL F 204 55.27 -22.07 4.95
C VAL F 204 56.01 -21.22 5.98
N GLU F 205 57.19 -20.74 5.59
CA GLU F 205 58.05 -19.93 6.44
C GLU F 205 58.76 -18.84 5.63
N LYS F 206 58.92 -17.66 6.24
CA LYS F 206 59.70 -16.56 5.67
C LYS F 206 60.69 -16.05 6.72
N THR F 207 61.74 -15.34 6.27
CA THR F 207 62.85 -14.93 7.12
CA THR F 207 62.83 -14.92 7.14
C THR F 207 63.40 -13.55 6.78
N VAL F 208 63.88 -12.84 7.81
CA VAL F 208 64.64 -11.59 7.71
C VAL F 208 65.84 -11.73 8.66
N ALA F 209 66.80 -10.79 8.53
CA ALA F 209 67.97 -10.80 9.37
C ALA F 209 68.63 -9.42 9.39
N PRO F 210 69.09 -8.93 10.56
CA PRO F 210 70.09 -7.86 10.60
C PRO F 210 71.36 -8.30 9.83
N THR F 211 71.70 -7.58 8.74
CA THR F 211 72.72 -8.03 7.80
C THR F 211 74.14 -7.89 8.36
#